data_8U7W
#
_entry.id   8U7W
#
_cell.length_a   45.510
_cell.length_b   212.890
_cell.length_c   55.640
_cell.angle_alpha   90.000
_cell.angle_beta   95.920
_cell.angle_gamma   90.000
#
_symmetry.space_group_name_H-M   'P 1 21 1'
#
loop_
_entity.id
_entity.type
_entity.pdbx_description
1 polymer 'Tyrosine-protein phosphatase non-receptor type 11'
2 non-polymer 1-{6-[(2,3-dichlorophenyl)sulfanyl]pyrido[2,3-b]pyrazin-2-yl}-4-methylpiperidin-4-amine
3 water water
#
_entity_poly.entity_id   1
_entity_poly.type   'polypeptide(L)'
_entity_poly.pdbx_seq_one_letter_code
;MHHHHHHENLYFQSMTSRRWFHPNITGVEAENLLLTRGVDGSFLARPSKSNPGDFTLSVRRNGAVTHIKIQNTGDYYDLY
GGEKFATLAELVQYYMEHHGQLKEKNGDVIELKYPLNCADPTSERWFHGHLSGKEAEKLLTEKGKHGSFLVRESQSHPGD
FVLSVRTGDDKGESNDGKSKVTHVMIRCQELKYDVGGGERFDSLTDLVEHYKKNPMVETLGTVLQLKQPLNTTRINAAEI
ESRVRELSKLAETTDKVKQGFWEEFETLQQQECKLLYSRKEGQRQENKNKNRYKNILPFDHTRVVLHDGDPNEPVSDYIN
ANIIMPEFETKCNNSKPKKSYIATQGCLQNTVNDFWRMVFQENSRVIVMTTKEVERGKSKCVKYWPDEYALKEYGVMRVR
NVKESAAHDYTLRELKLSKVGQGNTERTVWQYHFRTWPDHGVPSDPGGVLDFLEEVHHKQESIMDAGPVVVHCSAGIGRT
GTFIVIDILIDIIREKGVDCDIDVPKTIQMVRSQRSGMVQTEAQYRFIYMAVQHYIETL
;
_entity_poly.pdbx_strand_id   A,B
#
loop_
_chem_comp.id
_chem_comp.type
_chem_comp.name
_chem_comp.formula
W8I non-polymer 1-{6-[(2,3-dichlorophenyl)sulfanyl]pyrido[2,3-b]pyrazin-2-yl}-4-methylpiperidin-4-amine 'C19 H19 Cl2 N5 S'
#
# COMPACT_ATOMS: atom_id res chain seq x y z
N ARG A 18 37.94 10.78 -13.13
CA ARG A 18 36.87 10.19 -13.95
C ARG A 18 36.62 11.04 -15.18
N ARG A 19 37.71 11.60 -15.70
CA ARG A 19 37.59 12.51 -16.84
C ARG A 19 37.09 11.83 -18.10
N TRP A 20 37.15 10.49 -18.17
CA TRP A 20 36.80 9.79 -19.39
C TRP A 20 35.29 9.61 -19.57
N PHE A 21 34.49 10.00 -18.59
CA PHE A 21 33.03 9.94 -18.72
C PHE A 21 32.52 11.29 -19.21
N HIS A 22 31.76 11.29 -20.31
CA HIS A 22 31.20 12.50 -20.91
C HIS A 22 29.69 12.49 -20.73
N PRO A 23 29.14 13.29 -19.82
CA PRO A 23 27.72 13.13 -19.49
C PRO A 23 26.75 13.76 -20.49
N ASN A 24 27.19 14.70 -21.31
CA ASN A 24 26.26 15.41 -22.21
C ASN A 24 26.70 15.32 -23.67
N ILE A 25 27.17 14.17 -24.12
CA ILE A 25 27.56 14.02 -25.52
C ILE A 25 26.72 12.94 -26.17
N THR A 26 26.59 13.04 -27.48
CA THR A 26 25.86 12.07 -28.29
C THR A 26 26.84 11.07 -28.89
N GLY A 27 26.28 10.03 -29.53
CA GLY A 27 27.13 9.07 -30.23
C GLY A 27 27.92 9.72 -31.36
N VAL A 28 27.29 10.58 -32.16
CA VAL A 28 28.01 11.26 -33.22
C VAL A 28 29.15 12.09 -32.63
N GLU A 29 28.84 12.90 -31.62
CA GLU A 29 29.87 13.71 -30.97
C GLU A 29 31.01 12.86 -30.42
N ALA A 30 30.69 11.67 -29.87
CA ALA A 30 31.76 10.79 -29.37
C ALA A 30 32.64 10.29 -30.51
N GLU A 31 32.02 9.91 -31.63
CA GLU A 31 32.80 9.47 -32.78
C GLU A 31 33.76 10.56 -33.25
N ASN A 32 33.26 11.78 -33.43
CA ASN A 32 34.10 12.87 -33.90
C ASN A 32 35.21 13.19 -32.92
N LEU A 33 34.88 13.23 -31.63
CA LEU A 33 35.89 13.50 -30.61
C LEU A 33 37.01 12.48 -30.67
N LEU A 34 36.66 11.19 -30.78
CA LEU A 34 37.69 10.16 -30.83
C LEU A 34 38.50 10.25 -32.12
N LEU A 35 37.83 10.54 -33.24
CA LEU A 35 38.49 10.54 -34.55
C LEU A 35 39.36 11.79 -34.75
N THR A 36 38.96 12.92 -34.17
CA THR A 36 39.74 14.14 -34.34
C THR A 36 40.74 14.38 -33.22
N ARG A 37 40.43 13.98 -31.98
CA ARG A 37 41.28 14.28 -30.84
C ARG A 37 41.87 13.04 -30.16
N GLY A 38 41.49 11.83 -30.59
CA GLY A 38 42.05 10.62 -30.03
C GLY A 38 42.93 9.90 -31.05
N VAL A 39 43.49 8.79 -30.58
CA VAL A 39 44.26 7.86 -31.38
C VAL A 39 43.71 6.46 -31.12
N ASP A 40 44.21 5.48 -31.88
CA ASP A 40 43.88 4.09 -31.62
C ASP A 40 44.18 3.75 -30.16
N GLY A 41 43.19 3.20 -29.46
CA GLY A 41 43.27 2.97 -28.03
C GLY A 41 42.59 4.02 -27.18
N SER A 42 42.21 5.15 -27.75
CA SER A 42 41.49 6.15 -26.97
C SER A 42 40.05 5.70 -26.71
N PHE A 43 39.49 6.15 -25.58
CA PHE A 43 38.15 5.72 -25.24
C PHE A 43 37.46 6.76 -24.37
N LEU A 44 36.13 6.71 -24.38
CA LEU A 44 35.33 7.46 -23.44
C LEU A 44 34.10 6.64 -23.08
N ALA A 45 33.41 7.08 -22.05
CA ALA A 45 32.12 6.47 -21.73
C ALA A 45 31.09 7.58 -21.65
N ARG A 46 29.83 7.21 -21.86
CA ARG A 46 28.77 8.19 -21.93
C ARG A 46 27.45 7.50 -21.62
N PRO A 47 26.43 8.25 -21.22
CA PRO A 47 25.10 7.67 -21.08
C PRO A 47 24.56 7.31 -22.45
N SER A 48 23.77 6.24 -22.50
CA SER A 48 23.15 5.83 -23.77
C SER A 48 21.90 6.67 -24.00
N LYS A 49 21.84 7.34 -25.14
CA LYS A 49 20.68 8.17 -25.48
C LYS A 49 19.52 7.33 -26.00
N SER A 50 19.79 6.16 -26.59
CA SER A 50 18.71 5.30 -27.04
C SER A 50 18.02 4.61 -25.86
N ASN A 51 18.78 3.99 -24.97
CA ASN A 51 18.21 3.26 -23.85
C ASN A 51 18.53 3.98 -22.55
N PRO A 52 17.63 4.83 -22.04
CA PRO A 52 17.92 5.57 -20.81
C PRO A 52 18.21 4.64 -19.65
N GLY A 53 19.16 5.07 -18.80
CA GLY A 53 19.68 4.25 -17.74
C GLY A 53 20.86 3.37 -18.12
N ASP A 54 21.14 3.21 -19.40
CA ASP A 54 22.30 2.44 -19.83
C ASP A 54 23.43 3.39 -20.25
N PHE A 55 24.55 2.78 -20.62
CA PHE A 55 25.75 3.54 -20.94
C PHE A 55 26.43 2.88 -22.13
N THR A 56 27.33 3.63 -22.74
CA THR A 56 28.05 3.15 -23.91
C THR A 56 29.53 3.44 -23.70
N LEU A 57 30.36 2.45 -24.00
CA LEU A 57 31.80 2.60 -24.07
C LEU A 57 32.14 2.80 -25.55
N SER A 58 32.76 3.94 -25.86
CA SER A 58 33.13 4.29 -27.23
C SER A 58 34.65 4.23 -27.36
N VAL A 59 35.15 3.35 -28.22
CA VAL A 59 36.57 3.04 -28.33
C VAL A 59 37.03 3.19 -29.79
N ARG A 60 38.19 3.81 -29.95
CA ARG A 60 38.79 3.99 -31.28
C ARG A 60 39.80 2.89 -31.54
N ARG A 61 39.74 2.31 -32.75
CA ARG A 61 40.66 1.23 -33.09
C ARG A 61 40.84 1.21 -34.61
N ASN A 62 42.09 1.32 -35.05
CA ASN A 62 42.44 1.36 -36.48
C ASN A 62 41.67 2.46 -37.22
N GLY A 63 41.60 3.65 -36.62
CA GLY A 63 40.88 4.76 -37.23
C GLY A 63 39.37 4.63 -37.27
N ALA A 64 38.80 3.61 -36.63
CA ALA A 64 37.35 3.43 -36.55
C ALA A 64 36.92 3.44 -35.08
N VAL A 65 35.68 3.85 -34.83
CA VAL A 65 35.12 3.88 -33.48
C VAL A 65 34.18 2.69 -33.31
N THR A 66 34.35 1.93 -32.22
CA THR A 66 33.44 0.88 -31.81
C THR A 66 32.63 1.35 -30.59
N HIS A 67 31.33 1.06 -30.57
CA HIS A 67 30.45 1.40 -29.45
C HIS A 67 30.01 0.13 -28.73
N ILE A 68 30.32 0.03 -27.44
CA ILE A 68 30.06 -1.17 -26.66
C ILE A 68 29.04 -0.86 -25.57
N LYS A 69 27.93 -1.60 -25.57
CA LYS A 69 26.82 -1.27 -24.71
C LYS A 69 27.06 -1.76 -23.28
N ILE A 70 26.64 -0.97 -22.31
CA ILE A 70 26.74 -1.31 -20.90
C ILE A 70 25.36 -1.12 -20.28
N GLN A 71 24.77 -2.20 -19.79
CA GLN A 71 23.44 -2.17 -19.19
C GLN A 71 23.54 -2.12 -17.67
N ASN A 72 22.64 -1.37 -17.05
CA ASN A 72 22.46 -1.52 -15.61
C ASN A 72 20.98 -1.50 -15.30
N THR A 73 20.44 -2.68 -15.02
CA THR A 73 19.03 -2.79 -14.68
C THR A 73 18.78 -2.66 -13.18
N GLY A 74 19.81 -2.46 -12.37
CA GLY A 74 19.66 -2.32 -10.93
C GLY A 74 20.61 -3.13 -10.08
N ASP A 75 21.26 -4.14 -10.66
CA ASP A 75 22.10 -5.06 -9.89
C ASP A 75 23.59 -4.93 -10.14
N TYR A 76 24.01 -4.52 -11.36
CA TYR A 76 25.42 -4.41 -11.72
C TYR A 76 25.52 -3.78 -13.11
N TYR A 77 26.71 -3.30 -13.44
CA TYR A 77 27.00 -2.85 -14.80
C TYR A 77 27.36 -4.08 -15.62
N ASP A 78 26.62 -4.32 -16.70
CA ASP A 78 26.74 -5.49 -17.57
C ASP A 78 27.31 -5.06 -18.92
N LEU A 79 28.62 -5.25 -19.10
CA LEU A 79 29.28 -4.93 -20.36
C LEU A 79 28.97 -6.02 -21.38
N TYR A 80 28.26 -5.67 -22.45
CA TYR A 80 27.91 -6.67 -23.46
C TYR A 80 29.18 -7.34 -23.99
N GLY A 81 29.14 -8.67 -24.12
CA GLY A 81 30.34 -9.39 -24.52
C GLY A 81 31.50 -9.27 -23.55
N GLY A 82 31.23 -8.98 -22.28
CA GLY A 82 32.29 -8.82 -21.29
C GLY A 82 31.79 -9.22 -19.93
N GLU A 83 32.34 -8.62 -18.88
CA GLU A 83 32.03 -9.06 -17.53
C GLU A 83 31.14 -8.04 -16.83
N LYS A 84 30.70 -8.38 -15.62
CA LYS A 84 29.83 -7.53 -14.81
C LYS A 84 30.65 -6.79 -13.75
N PHE A 85 30.34 -5.52 -13.55
CA PHE A 85 31.13 -4.68 -12.65
C PHE A 85 30.25 -3.89 -11.69
N ALA A 86 30.86 -3.46 -10.56
CA ALA A 86 30.14 -2.70 -9.54
C ALA A 86 30.08 -1.20 -9.84
N THR A 87 31.06 -0.65 -10.57
CA THR A 87 31.00 0.74 -11.03
C THR A 87 31.68 0.86 -12.40
N LEU A 88 31.40 1.97 -13.11
CA LEU A 88 32.12 2.19 -14.37
C LEU A 88 33.62 2.34 -14.14
N ALA A 89 34.02 2.96 -13.02
CA ALA A 89 35.44 3.14 -12.74
C ALA A 89 36.15 1.81 -12.54
N GLU A 90 35.56 0.89 -11.77
CA GLU A 90 36.16 -0.43 -11.62
C GLU A 90 36.19 -1.18 -12.95
N LEU A 91 35.17 -0.98 -13.79
CA LEU A 91 35.18 -1.55 -15.13
C LEU A 91 36.35 -1.02 -15.94
N VAL A 92 36.49 0.31 -16.00
CA VAL A 92 37.59 0.89 -16.74
C VAL A 92 38.93 0.47 -16.13
N GLN A 93 39.05 0.50 -14.79
CA GLN A 93 40.31 0.07 -14.19
C GLN A 93 40.66 -1.37 -14.60
N TYR A 94 39.68 -2.26 -14.61
CA TYR A 94 39.92 -3.66 -14.93
C TYR A 94 40.50 -3.82 -16.34
N TYR A 95 39.88 -3.20 -17.32
CA TYR A 95 40.33 -3.41 -18.68
C TYR A 95 41.61 -2.65 -18.99
N MET A 96 41.82 -1.48 -18.40
CA MET A 96 43.10 -0.80 -18.57
C MET A 96 44.26 -1.56 -17.92
N GLU A 97 43.99 -2.45 -16.97
CA GLU A 97 45.04 -3.21 -16.32
C GLU A 97 45.01 -4.69 -16.68
N HIS A 98 44.15 -5.10 -17.62
CA HIS A 98 44.02 -6.50 -18.05
C HIS A 98 43.86 -6.45 -19.56
N HIS A 99 44.99 -6.48 -20.23
CA HIS A 99 45.11 -6.18 -21.65
C HIS A 99 44.79 -7.43 -22.46
N GLY A 100 43.92 -7.29 -23.46
CA GLY A 100 43.47 -8.48 -24.15
C GLY A 100 42.37 -9.22 -23.44
N GLN A 101 41.79 -8.61 -22.41
CA GLN A 101 40.64 -9.20 -21.73
C GLN A 101 39.33 -8.78 -22.35
N LEU A 102 39.26 -7.57 -22.92
CA LEU A 102 38.03 -7.07 -23.54
C LEU A 102 37.99 -7.54 -24.99
N LYS A 103 37.06 -8.45 -25.29
CA LYS A 103 36.89 -8.97 -26.64
C LYS A 103 35.60 -8.41 -27.25
N GLU A 104 35.58 -8.37 -28.58
CA GLU A 104 34.53 -7.69 -29.32
C GLU A 104 33.39 -8.64 -29.65
N LYS A 105 32.61 -8.27 -30.67
CA LYS A 105 31.69 -9.15 -31.36
C LYS A 105 32.42 -10.39 -31.84
N ASN A 106 33.34 -10.18 -32.79
CA ASN A 106 34.10 -11.25 -33.43
C ASN A 106 35.01 -12.00 -32.47
N GLY A 107 35.27 -11.45 -31.29
CA GLY A 107 36.21 -12.04 -30.37
C GLY A 107 37.60 -11.45 -30.43
N ASP A 108 37.75 -10.27 -31.04
CA ASP A 108 39.06 -9.63 -31.11
C ASP A 108 39.22 -8.61 -29.98
N VAL A 109 40.48 -8.41 -29.59
CA VAL A 109 40.82 -7.58 -28.43
C VAL A 109 40.48 -6.13 -28.69
N ILE A 110 39.84 -5.50 -27.71
CA ILE A 110 39.69 -4.05 -27.67
C ILE A 110 40.60 -3.56 -26.56
N GLU A 111 41.53 -2.69 -26.92
CA GLU A 111 42.45 -2.15 -25.94
C GLU A 111 41.90 -0.81 -25.50
N LEU A 112 41.72 -0.66 -24.19
CA LEU A 112 41.50 0.64 -23.58
C LEU A 112 42.87 1.13 -23.13
N LYS A 113 43.40 2.13 -23.83
CA LYS A 113 44.71 2.65 -23.47
C LYS A 113 44.66 4.08 -23.00
N TYR A 114 43.95 4.95 -23.73
CA TYR A 114 44.04 6.41 -23.51
C TYR A 114 42.68 7.02 -23.18
N PRO A 115 42.40 7.30 -21.91
CA PRO A 115 41.19 8.08 -21.57
C PRO A 115 41.14 9.36 -22.36
N LEU A 116 39.96 9.67 -22.90
CA LEU A 116 39.73 10.94 -23.57
C LEU A 116 39.00 11.84 -22.60
N ASN A 117 39.66 12.90 -22.15
CA ASN A 117 39.14 13.70 -21.04
C ASN A 117 38.00 14.60 -21.50
N CYS A 118 36.95 14.63 -20.71
CA CYS A 118 35.83 15.53 -20.85
C CYS A 118 36.17 16.90 -20.26
N ALA A 119 35.68 17.97 -20.90
CA ALA A 119 35.90 19.33 -20.42
C ALA A 119 34.66 19.90 -19.73
N ASP A 120 33.54 19.21 -19.84
CA ASP A 120 32.27 19.63 -19.26
C ASP A 120 32.37 19.67 -17.75
N PRO A 121 32.09 20.81 -17.11
CA PRO A 121 32.07 20.87 -15.64
C PRO A 121 30.71 20.60 -15.00
N THR A 122 29.69 20.21 -15.77
CA THR A 122 28.34 20.20 -15.17
C THR A 122 28.20 19.12 -14.11
N SER A 123 29.01 18.07 -14.18
CA SER A 123 28.97 17.02 -13.17
C SER A 123 29.95 17.22 -12.03
N GLU A 124 30.56 18.40 -11.91
CA GLU A 124 31.46 18.67 -10.81
C GLU A 124 30.68 19.24 -9.63
N ARG A 125 31.11 18.86 -8.42
CA ARG A 125 30.38 19.30 -7.23
C ARG A 125 30.41 20.82 -7.09
N TRP A 126 31.47 21.48 -7.57
CA TRP A 126 31.68 22.90 -7.31
C TRP A 126 31.11 23.82 -8.38
N PHE A 127 30.56 23.29 -9.49
CA PHE A 127 30.06 24.12 -10.59
C PHE A 127 28.57 24.41 -10.44
N HIS A 128 28.22 25.69 -10.36
CA HIS A 128 26.83 26.09 -10.14
C HIS A 128 26.17 26.73 -11.35
N GLY A 129 26.90 27.00 -12.42
CA GLY A 129 26.24 27.59 -13.59
C GLY A 129 25.74 29.00 -13.29
N HIS A 130 24.46 29.25 -13.60
CA HIS A 130 23.92 30.58 -13.38
C HIS A 130 23.79 30.82 -11.88
N LEU A 131 24.52 31.82 -11.38
CA LEU A 131 24.56 32.13 -9.95
C LEU A 131 25.12 33.53 -9.82
N SER A 132 24.41 34.40 -9.10
CA SER A 132 24.89 35.78 -8.95
C SER A 132 25.99 35.85 -7.90
N GLY A 133 26.80 36.90 -7.99
CA GLY A 133 27.87 37.08 -7.02
C GLY A 133 27.32 37.14 -5.61
N LYS A 134 26.12 37.65 -5.47
CA LYS A 134 25.60 37.80 -4.13
C LYS A 134 24.84 36.56 -3.69
N GLU A 135 24.15 35.88 -4.60
CA GLU A 135 23.61 34.56 -4.25
C GLU A 135 24.71 33.62 -3.76
N ALA A 136 25.87 33.61 -4.44
CA ALA A 136 27.01 32.80 -3.99
C ALA A 136 27.50 33.25 -2.64
N GLU A 137 27.47 34.55 -2.38
CA GLU A 137 27.86 35.04 -1.06
C GLU A 137 26.90 34.52 0.01
N LYS A 138 25.58 34.54 -0.24
CA LYS A 138 24.67 34.05 0.81
C LYS A 138 24.85 32.55 1.03
N LEU A 139 24.98 31.77 -0.04
CA LEU A 139 25.26 30.34 0.13
C LEU A 139 26.55 30.12 0.90
N LEU A 140 27.63 30.83 0.52
CA LEU A 140 28.87 30.66 1.24
C LEU A 140 28.76 31.16 2.67
N THR A 141 27.96 32.19 2.91
CA THR A 141 27.78 32.67 4.28
C THR A 141 27.03 31.66 5.15
N GLU A 142 26.03 30.99 4.58
CA GLU A 142 25.15 30.11 5.36
C GLU A 142 25.76 28.73 5.59
N LYS A 143 26.26 28.08 4.53
CA LYS A 143 26.79 26.73 4.65
C LYS A 143 28.29 26.63 4.41
N GLY A 144 28.97 27.75 4.13
CA GLY A 144 30.37 27.69 3.78
C GLY A 144 31.27 27.64 4.99
N LYS A 145 32.45 27.09 4.76
CA LYS A 145 33.53 26.97 5.72
C LYS A 145 34.79 27.63 5.15
N HIS A 146 35.86 27.65 5.93
CA HIS A 146 37.13 28.14 5.43
C HIS A 146 37.59 27.24 4.29
N GLY A 147 37.82 27.85 3.11
CA GLY A 147 38.23 27.11 1.93
C GLY A 147 37.10 26.55 1.10
N SER A 148 35.84 26.79 1.47
CA SER A 148 34.73 26.38 0.62
C SER A 148 34.69 27.25 -0.63
N PHE A 149 34.47 26.63 -1.79
CA PHE A 149 34.54 27.35 -3.05
C PHE A 149 33.46 26.87 -4.00
N LEU A 150 33.27 27.66 -5.05
CA LEU A 150 32.39 27.31 -6.15
C LEU A 150 32.80 28.09 -7.39
N VAL A 151 32.32 27.61 -8.52
CA VAL A 151 32.54 28.26 -9.80
C VAL A 151 31.19 28.52 -10.42
N ARG A 152 31.01 29.73 -10.93
CA ARG A 152 29.74 30.16 -11.51
C ARG A 152 30.03 30.95 -12.77
N GLU A 153 29.03 31.00 -13.64
CA GLU A 153 29.10 31.88 -14.79
C GLU A 153 29.17 33.33 -14.33
N SER A 154 29.84 34.16 -15.15
CA SER A 154 29.91 35.57 -14.86
C SER A 154 28.61 36.24 -15.29
N GLN A 155 28.10 37.12 -14.44
CA GLN A 155 26.85 37.83 -14.74
C GLN A 155 27.06 39.13 -15.50
N SER A 156 28.30 39.59 -15.66
CA SER A 156 28.59 40.77 -16.46
C SER A 156 29.27 40.45 -17.78
N HIS A 157 30.22 39.51 -17.78
CA HIS A 157 30.94 39.14 -19.00
C HIS A 157 30.47 37.78 -19.50
N PRO A 158 29.60 37.71 -20.51
CA PRO A 158 29.13 36.42 -20.99
C PRO A 158 30.29 35.55 -21.44
N GLY A 159 30.17 34.25 -21.20
CA GLY A 159 31.22 33.31 -21.51
C GLY A 159 32.32 33.21 -20.47
N ASP A 160 32.44 34.18 -19.58
CA ASP A 160 33.41 34.14 -18.49
C ASP A 160 32.79 33.50 -17.26
N PHE A 161 33.64 33.12 -16.31
CA PHE A 161 33.20 32.48 -15.08
C PHE A 161 33.80 33.21 -13.90
N VAL A 162 33.35 32.82 -12.70
CA VAL A 162 33.86 33.38 -11.45
C VAL A 162 34.11 32.23 -10.49
N LEU A 163 35.24 32.28 -9.82
CA LEU A 163 35.59 31.36 -8.76
C LEU A 163 35.37 32.09 -7.45
N SER A 164 34.37 31.64 -6.67
CA SER A 164 34.03 32.27 -5.40
C SER A 164 34.50 31.39 -4.24
N VAL A 165 35.31 31.98 -3.36
CA VAL A 165 35.99 31.27 -2.29
C VAL A 165 35.71 31.99 -0.98
N ARG A 166 35.54 31.20 0.07
CA ARG A 166 35.41 31.71 1.41
C ARG A 166 36.68 31.37 2.19
N THR A 167 37.25 32.37 2.86
CA THR A 167 38.38 32.17 3.74
C THR A 167 38.05 32.73 5.12
N GLY A 168 38.66 32.16 6.15
CA GLY A 168 38.50 32.63 7.50
C GLY A 168 38.91 31.61 8.55
N ASP A 176 31.69 37.71 12.79
CA ASP A 176 31.57 38.90 11.94
C ASP A 176 32.93 39.50 11.63
N GLY A 177 33.22 39.64 10.33
CA GLY A 177 34.44 40.23 9.86
C GLY A 177 35.62 39.27 9.75
N LYS A 178 35.64 38.21 10.55
CA LYS A 178 36.75 37.27 10.52
C LYS A 178 36.76 36.42 9.25
N SER A 179 35.63 36.31 8.55
CA SER A 179 35.55 35.54 7.32
C SER A 179 35.14 36.47 6.19
N LYS A 180 35.49 36.08 4.97
CA LYS A 180 35.19 36.86 3.78
C LYS A 180 34.99 35.93 2.59
N VAL A 181 34.38 36.49 1.54
CA VAL A 181 34.19 35.80 0.28
C VAL A 181 34.95 36.59 -0.79
N THR A 182 35.86 35.92 -1.51
CA THR A 182 36.63 36.54 -2.59
C THR A 182 36.16 35.96 -3.92
N HIS A 183 35.92 36.84 -4.89
CA HIS A 183 35.53 36.45 -6.24
C HIS A 183 36.73 36.63 -7.16
N VAL A 184 37.12 35.55 -7.87
CA VAL A 184 38.22 35.59 -8.82
C VAL A 184 37.65 35.43 -10.22
N MET A 185 37.92 36.40 -11.08
CA MET A 185 37.41 36.32 -12.44
C MET A 185 38.16 35.25 -13.22
N ILE A 186 37.42 34.44 -13.97
CA ILE A 186 38.01 33.43 -14.84
C ILE A 186 37.58 33.80 -16.23
N ARG A 187 38.53 34.13 -17.08
CA ARG A 187 38.13 34.45 -18.43
C ARG A 187 38.29 33.23 -19.34
N CYS A 188 37.38 33.14 -20.29
CA CYS A 188 37.40 32.09 -21.28
C CYS A 188 37.87 32.76 -22.56
N GLN A 189 38.97 32.26 -23.09
CA GLN A 189 39.60 32.78 -24.30
C GLN A 189 39.96 31.55 -25.13
N GLU A 190 39.27 31.40 -26.27
CA GLU A 190 39.51 30.31 -27.20
C GLU A 190 39.34 28.94 -26.54
N LEU A 191 38.31 28.82 -25.70
CA LEU A 191 38.05 27.59 -24.96
C LEU A 191 39.21 27.23 -24.04
N LYS A 192 39.92 28.24 -23.57
CA LYS A 192 40.92 28.07 -22.55
C LYS A 192 40.61 29.05 -21.44
N TYR A 193 40.90 28.65 -20.20
CA TYR A 193 40.49 29.39 -19.03
C TYR A 193 41.71 29.86 -18.24
N ASP A 194 41.62 31.08 -17.72
CA ASP A 194 42.71 31.61 -16.91
C ASP A 194 42.16 32.62 -15.93
N VAL A 195 42.98 32.96 -14.94
CA VAL A 195 42.54 33.87 -13.90
C VAL A 195 43.22 35.22 -14.11
N GLY A 196 43.54 35.53 -15.37
CA GLY A 196 44.02 36.84 -15.74
C GLY A 196 45.48 36.88 -16.11
N GLY A 197 46.22 35.84 -15.76
CA GLY A 197 47.63 35.71 -16.11
C GLY A 197 48.04 34.29 -15.82
N GLY A 198 49.28 33.98 -16.20
CA GLY A 198 49.85 32.68 -15.89
C GLY A 198 49.43 31.66 -16.91
N GLU A 199 49.00 30.48 -16.45
CA GLU A 199 48.70 29.36 -17.33
C GLU A 199 47.27 29.43 -17.84
N ARG A 200 47.09 28.91 -19.05
CA ARG A 200 45.78 28.81 -19.66
C ARG A 200 45.37 27.34 -19.68
N PHE A 201 44.16 27.05 -19.20
CA PHE A 201 43.76 25.67 -18.94
C PHE A 201 42.70 25.19 -19.92
N ASP A 202 42.78 23.91 -20.25
CA ASP A 202 41.87 23.32 -21.23
C ASP A 202 40.46 23.15 -20.71
N SER A 203 40.26 23.18 -19.39
CA SER A 203 38.93 23.04 -18.83
C SER A 203 38.88 23.73 -17.47
N LEU A 204 37.66 24.07 -17.05
CA LEU A 204 37.51 24.59 -15.69
C LEU A 204 38.06 23.60 -14.68
N THR A 205 37.86 22.30 -14.91
CA THR A 205 38.35 21.31 -13.96
C THR A 205 39.87 21.37 -13.80
N ASP A 206 40.58 21.50 -14.92
CA ASP A 206 42.04 21.63 -14.82
C ASP A 206 42.41 22.88 -14.04
N LEU A 207 41.73 24.00 -14.31
CA LEU A 207 42.03 25.23 -13.61
C LEU A 207 41.83 25.04 -12.10
N VAL A 208 40.67 24.50 -11.71
CA VAL A 208 40.39 24.28 -10.29
C VAL A 208 41.43 23.35 -9.68
N GLU A 209 41.73 22.25 -10.37
CA GLU A 209 42.72 21.30 -9.84
C GLU A 209 44.09 21.96 -9.67
N HIS A 210 44.48 22.82 -10.60
CA HIS A 210 45.78 23.49 -10.47
C HIS A 210 45.81 24.44 -9.27
N TYR A 211 44.79 25.30 -9.16
CA TYR A 211 44.81 26.26 -8.07
C TYR A 211 44.38 25.65 -6.74
N LYS A 212 43.91 24.40 -6.75
CA LYS A 212 43.84 23.62 -5.52
C LYS A 212 45.24 23.26 -5.02
N LYS A 213 46.11 22.78 -5.90
CA LYS A 213 47.48 22.44 -5.51
C LYS A 213 48.36 23.66 -5.32
N ASN A 214 48.16 24.71 -6.12
CA ASN A 214 48.98 25.91 -6.06
C ASN A 214 48.07 27.08 -5.76
N PRO A 215 47.66 27.26 -4.50
CA PRO A 215 46.64 28.25 -4.21
C PRO A 215 47.09 29.66 -4.56
N MET A 216 46.13 30.45 -5.02
CA MET A 216 46.38 31.85 -5.32
C MET A 216 46.67 32.62 -4.04
N VAL A 217 47.57 33.59 -4.16
CA VAL A 217 47.95 34.45 -3.05
C VAL A 217 47.52 35.87 -3.37
N GLU A 218 46.87 36.52 -2.41
CA GLU A 218 46.42 37.89 -2.59
C GLU A 218 47.57 38.87 -2.34
N THR A 219 47.46 40.05 -2.97
CA THR A 219 48.50 41.06 -2.83
C THR A 219 48.82 41.34 -1.38
N LEU A 220 47.79 41.44 -0.52
CA LEU A 220 48.03 41.67 0.90
C LEU A 220 48.42 40.41 1.66
N GLY A 221 48.28 39.23 1.05
CA GLY A 221 48.80 38.02 1.65
C GLY A 221 47.85 36.85 1.82
N THR A 222 46.54 37.09 1.77
CA THR A 222 45.57 36.05 2.05
C THR A 222 45.66 34.93 1.02
N VAL A 223 45.72 33.68 1.49
CA VAL A 223 45.86 32.52 0.62
C VAL A 223 44.46 32.00 0.30
N LEU A 224 44.08 32.06 -0.98
CA LEU A 224 42.79 31.59 -1.44
C LEU A 224 42.83 30.08 -1.58
N GLN A 225 42.84 29.40 -0.45
CA GLN A 225 42.89 27.94 -0.45
C GLN A 225 41.55 27.38 -0.90
N LEU A 226 41.60 26.48 -1.89
CA LEU A 226 40.41 25.76 -2.39
C LEU A 226 40.30 24.42 -1.65
N LYS A 227 39.67 24.42 -0.47
CA LYS A 227 39.70 23.24 0.39
C LYS A 227 38.63 22.22 0.01
N GLN A 228 37.39 22.65 -0.12
CA GLN A 228 36.34 21.73 -0.51
C GLN A 228 35.23 22.50 -1.17
N PRO A 229 34.50 21.89 -2.09
CA PRO A 229 33.34 22.58 -2.69
C PRO A 229 32.31 22.93 -1.65
N LEU A 230 31.56 23.99 -1.96
CA LEU A 230 30.40 24.34 -1.15
C LEU A 230 29.35 23.24 -1.22
N ASN A 231 28.93 22.73 -0.06
CA ASN A 231 27.89 21.73 -0.03
C ASN A 231 26.55 22.32 -0.46
N THR A 232 25.89 21.70 -1.45
CA THR A 232 24.53 22.09 -1.80
C THR A 232 23.54 20.94 -1.67
N THR A 233 23.94 19.80 -1.11
CA THR A 233 23.02 18.67 -1.03
C THR A 233 22.52 18.41 0.39
N ARG A 234 23.22 18.90 1.41
CA ARG A 234 22.73 18.77 2.77
C ARG A 234 21.60 19.76 2.99
N ILE A 235 20.40 19.24 3.26
CA ILE A 235 19.23 20.05 3.56
C ILE A 235 18.61 19.60 4.87
N ASN A 236 17.79 20.47 5.43
CA ASN A 236 17.00 20.11 6.60
C ASN A 236 15.91 19.12 6.20
N ALA A 237 15.65 18.14 7.08
CA ALA A 237 14.66 17.10 6.79
C ALA A 237 13.31 17.69 6.37
N ALA A 238 12.87 18.77 7.00
CA ALA A 238 11.61 19.41 6.63
C ALA A 238 11.64 20.01 5.23
N GLU A 239 12.81 20.22 4.66
CA GLU A 239 12.92 20.80 3.33
C GLU A 239 12.91 19.73 2.22
N ILE A 240 12.70 18.45 2.56
CA ILE A 240 12.86 17.39 1.56
C ILE A 240 11.82 17.54 0.46
N GLU A 241 10.57 17.83 0.81
CA GLU A 241 9.53 17.91 -0.20
C GLU A 241 9.86 19.00 -1.22
N SER A 242 10.30 20.16 -0.74
CA SER A 242 10.71 21.23 -1.64
C SER A 242 11.88 20.80 -2.52
N ARG A 243 12.91 20.18 -1.91
CA ARG A 243 14.06 19.71 -2.70
C ARG A 243 13.62 18.68 -3.74
N VAL A 244 12.72 17.77 -3.36
CA VAL A 244 12.27 16.76 -4.32
C VAL A 244 11.53 17.44 -5.47
N ARG A 245 10.70 18.43 -5.16
CA ARG A 245 10.04 19.20 -6.22
C ARG A 245 11.06 19.86 -7.14
N GLU A 246 12.12 20.45 -6.57
CA GLU A 246 13.15 21.10 -7.37
C GLU A 246 13.83 20.10 -8.30
N LEU A 247 14.28 18.96 -7.74
CA LEU A 247 14.96 17.93 -8.50
C LEU A 247 14.06 17.31 -9.57
N SER A 248 12.75 17.36 -9.37
CA SER A 248 11.84 16.78 -10.35
C SER A 248 11.71 17.67 -11.58
N LYS A 249 12.10 18.93 -11.49
CA LYS A 249 12.12 19.81 -12.65
C LYS A 249 13.30 19.45 -13.56
N LYS A 258 18.35 15.58 -17.62
CA LYS A 258 18.03 17.00 -17.70
C LYS A 258 17.25 17.46 -16.46
N GLN A 259 16.63 16.53 -15.73
CA GLN A 259 16.09 16.90 -14.43
C GLN A 259 17.19 16.98 -13.39
N GLY A 260 16.90 17.69 -12.30
CA GLY A 260 17.85 17.80 -11.20
C GLY A 260 18.29 16.46 -10.65
N PHE A 261 17.40 15.46 -10.63
CA PHE A 261 17.77 14.14 -10.13
C PHE A 261 18.92 13.55 -10.93
N TRP A 262 18.80 13.58 -12.28
CA TRP A 262 19.86 13.05 -13.13
C TRP A 262 21.18 13.78 -12.92
N GLU A 263 21.12 15.10 -12.83
CA GLU A 263 22.34 15.88 -12.64
C GLU A 263 23.01 15.56 -11.32
N GLU A 264 22.21 15.45 -10.25
CA GLU A 264 22.78 15.18 -8.94
C GLU A 264 23.34 13.76 -8.90
N PHE A 265 22.63 12.80 -9.50
CA PHE A 265 23.12 11.44 -9.49
C PHE A 265 24.44 11.32 -10.25
N GLU A 266 24.51 11.93 -11.43
CA GLU A 266 25.75 11.83 -12.21
C GLU A 266 26.88 12.54 -11.52
N THR A 267 26.60 13.64 -10.80
CA THR A 267 27.65 14.26 -10.02
C THR A 267 28.17 13.31 -8.94
N LEU A 268 27.26 12.62 -8.25
CA LEU A 268 27.70 11.58 -7.32
C LEU A 268 28.53 10.52 -8.03
N GLN A 269 28.10 10.08 -9.22
CA GLN A 269 28.85 9.04 -9.92
C GLN A 269 30.25 9.51 -10.27
N GLN A 270 30.41 10.82 -10.52
CA GLN A 270 31.71 11.37 -10.86
C GLN A 270 32.71 11.26 -9.72
N GLN A 271 32.24 11.01 -8.48
CA GLN A 271 33.12 10.85 -7.34
C GLN A 271 33.61 9.42 -7.15
N GLU A 272 33.22 8.49 -8.01
CA GLU A 272 33.53 7.09 -7.74
C GLU A 272 34.99 6.75 -8.02
N CYS A 273 35.74 7.63 -8.70
CA CYS A 273 37.16 7.32 -8.89
C CYS A 273 37.96 7.53 -7.62
N LYS A 274 37.36 8.14 -6.59
CA LYS A 274 37.96 8.20 -5.26
C LYS A 274 37.84 6.90 -4.48
N LEU A 275 37.10 5.91 -4.97
CA LEU A 275 36.76 4.73 -4.17
C LEU A 275 37.35 3.44 -4.74
N LEU A 276 38.46 3.53 -5.48
CA LEU A 276 39.08 2.36 -6.07
C LEU A 276 39.99 1.65 -5.06
N TYR A 277 39.41 1.29 -3.93
CA TYR A 277 40.17 0.63 -2.89
C TYR A 277 40.49 -0.81 -3.30
N SER A 278 41.49 -1.39 -2.66
CA SER A 278 41.96 -2.68 -3.13
C SER A 278 40.98 -3.79 -2.75
N ARG A 279 40.89 -4.79 -3.63
CA ARG A 279 40.07 -5.98 -3.45
C ARG A 279 40.90 -7.23 -3.74
N LYS A 280 42.09 -7.31 -3.14
CA LYS A 280 43.02 -8.40 -3.47
C LYS A 280 42.52 -9.76 -2.98
N GLU A 281 41.99 -9.84 -1.75
CA GLU A 281 41.59 -11.13 -1.22
C GLU A 281 40.58 -11.82 -2.12
N GLY A 282 39.60 -11.07 -2.63
CA GLY A 282 38.57 -11.65 -3.50
C GLY A 282 39.07 -12.13 -4.86
N GLN A 283 40.25 -11.68 -5.28
CA GLN A 283 40.85 -12.09 -6.53
C GLN A 283 41.76 -13.31 -6.37
N ARG A 284 42.02 -13.74 -5.14
CA ARG A 284 42.83 -14.94 -4.94
C ARG A 284 42.17 -16.14 -5.60
N GLN A 285 43.02 -17.03 -6.12
CA GLN A 285 42.54 -18.22 -6.81
C GLN A 285 41.57 -19.01 -5.96
N GLU A 286 41.87 -19.14 -4.68
CA GLU A 286 41.04 -19.98 -3.83
C GLU A 286 39.69 -19.35 -3.53
N ASN A 287 39.54 -18.06 -3.78
CA ASN A 287 38.31 -17.33 -3.45
C ASN A 287 37.49 -17.01 -4.68
N LYS A 288 38.04 -17.24 -5.88
CA LYS A 288 37.38 -16.82 -7.11
C LYS A 288 35.96 -17.36 -7.18
N ASN A 289 35.79 -18.66 -6.92
CA ASN A 289 34.48 -19.29 -7.05
C ASN A 289 33.61 -19.08 -5.81
N LYS A 290 34.06 -18.29 -4.86
CA LYS A 290 33.20 -17.83 -3.78
C LYS A 290 32.47 -16.53 -4.15
N ASN A 291 32.69 -16.02 -5.35
CA ASN A 291 32.05 -14.79 -5.81
C ASN A 291 30.98 -15.15 -6.84
N ARG A 292 29.77 -14.61 -6.63
CA ARG A 292 28.72 -14.76 -7.65
C ARG A 292 29.14 -14.12 -8.97
N TYR A 293 29.85 -13.02 -8.90
CA TYR A 293 30.36 -12.31 -10.06
C TYR A 293 31.83 -12.02 -9.80
N LYS A 294 32.69 -12.50 -10.68
CA LYS A 294 34.12 -12.54 -10.42
C LYS A 294 34.74 -11.18 -10.18
N ASN A 295 34.14 -10.10 -10.67
CA ASN A 295 34.76 -8.78 -10.54
C ASN A 295 34.00 -7.86 -9.58
N ILE A 296 32.96 -8.36 -8.92
CA ILE A 296 32.23 -7.63 -7.91
C ILE A 296 32.71 -8.20 -6.57
N LEU A 297 33.64 -7.49 -5.94
CA LEU A 297 34.42 -7.98 -4.82
C LEU A 297 34.33 -7.03 -3.62
N PRO A 298 34.56 -7.57 -2.42
CA PRO A 298 34.57 -6.74 -1.21
C PRO A 298 35.93 -6.07 -1.06
N PHE A 299 35.89 -4.77 -0.72
CA PHE A 299 37.10 -4.06 -0.36
C PHE A 299 37.83 -4.84 0.75
N ASP A 300 39.15 -4.97 0.59
CA ASP A 300 39.92 -5.71 1.61
C ASP A 300 39.77 -5.07 2.97
N HIS A 301 39.69 -3.73 3.04
CA HIS A 301 39.76 -3.05 4.34
C HIS A 301 38.45 -3.09 5.12
N THR A 302 37.32 -3.51 4.51
CA THR A 302 36.05 -3.64 5.23
C THR A 302 35.41 -5.01 5.09
N ARG A 303 36.06 -5.96 4.41
CA ARG A 303 35.48 -7.29 4.20
C ARG A 303 35.34 -8.00 5.53
N VAL A 304 34.30 -8.82 5.62
CA VAL A 304 34.09 -9.64 6.81
C VAL A 304 35.11 -10.78 6.74
N VAL A 305 35.92 -10.91 7.78
CA VAL A 305 36.97 -11.94 7.82
C VAL A 305 36.49 -13.09 8.71
N LEU A 306 36.42 -14.29 8.15
CA LEU A 306 35.92 -15.46 8.87
C LEU A 306 37.08 -16.14 9.59
N HIS A 307 36.97 -16.31 10.91
CA HIS A 307 38.19 -16.40 11.72
C HIS A 307 38.63 -17.81 12.11
N ASP A 308 37.74 -18.69 12.56
CA ASP A 308 38.20 -20.01 13.05
C ASP A 308 37.70 -21.13 12.13
N GLY A 309 38.27 -21.17 10.94
CA GLY A 309 37.86 -22.11 9.92
C GLY A 309 38.51 -23.47 10.09
N ASP A 310 38.21 -24.35 9.14
CA ASP A 310 38.83 -25.66 9.10
C ASP A 310 40.31 -25.51 8.78
N PRO A 311 41.22 -26.00 9.63
CA PRO A 311 42.66 -25.95 9.30
C PRO A 311 43.04 -26.70 8.04
N VAL A 315 42.44 -21.62 2.50
CA VAL A 315 41.85 -20.31 2.69
C VAL A 315 40.41 -20.49 3.13
N SER A 316 40.15 -20.16 4.36
CA SER A 316 38.81 -20.33 4.91
C SER A 316 38.31 -19.05 5.56
N ASP A 317 38.94 -17.90 5.27
CA ASP A 317 38.58 -16.66 5.94
C ASP A 317 37.76 -15.73 5.05
N TYR A 318 37.34 -16.19 3.87
CA TYR A 318 36.80 -15.29 2.86
C TYR A 318 35.30 -15.50 2.66
N ILE A 319 34.58 -14.38 2.61
CA ILE A 319 33.22 -14.36 2.10
C ILE A 319 33.04 -13.01 1.41
N ASN A 320 32.25 -12.99 0.33
CA ASN A 320 31.96 -11.75 -0.36
C ASN A 320 30.96 -10.92 0.44
N ALA A 321 31.48 -10.11 1.35
CA ALA A 321 30.63 -9.35 2.26
C ALA A 321 31.47 -8.25 2.86
N ASN A 322 30.83 -7.11 3.17
CA ASN A 322 31.51 -6.00 3.83
C ASN A 322 30.71 -5.52 5.03
N ILE A 323 31.42 -5.07 6.03
CA ILE A 323 30.79 -4.33 7.13
C ILE A 323 30.46 -2.94 6.62
N ILE A 324 29.25 -2.47 6.91
CA ILE A 324 28.85 -1.11 6.57
C ILE A 324 28.51 -0.40 7.87
N MET A 325 29.23 0.68 8.17
CA MET A 325 28.97 1.49 9.36
C MET A 325 28.50 2.88 8.97
N PRO A 326 27.37 3.38 9.50
CA PRO A 326 26.86 4.73 9.26
C PRO A 326 27.85 5.81 9.72
N LYS A 338 22.80 3.97 14.24
CA LYS A 338 23.44 3.31 15.37
C LYS A 338 23.76 1.83 15.05
N LYS A 339 22.83 1.15 14.39
CA LYS A 339 23.12 -0.20 13.94
C LYS A 339 24.19 -0.16 12.85
N SER A 340 24.87 -1.27 12.67
CA SER A 340 25.75 -1.45 11.52
C SER A 340 25.15 -2.58 10.66
N TYR A 341 25.71 -2.76 9.48
CA TYR A 341 25.18 -3.71 8.51
C TYR A 341 26.30 -4.56 8.02
N ILE A 342 25.92 -5.73 7.50
CA ILE A 342 26.78 -6.48 6.60
C ILE A 342 26.08 -6.52 5.26
N ALA A 343 26.75 -6.03 4.23
CA ALA A 343 26.24 -6.10 2.87
C ALA A 343 26.93 -7.25 2.15
N THR A 344 26.12 -8.14 1.55
CA THR A 344 26.68 -9.37 1.01
C THR A 344 25.83 -9.81 -0.18
N GLN A 345 26.36 -10.76 -0.94
CA GLN A 345 25.70 -11.33 -2.11
C GLN A 345 24.74 -12.44 -1.70
N GLY A 346 23.89 -12.86 -2.65
CA GLY A 346 23.16 -14.10 -2.47
C GLY A 346 24.12 -15.28 -2.40
N CYS A 347 23.90 -16.15 -1.42
CA CYS A 347 24.66 -17.38 -1.29
C CYS A 347 24.74 -18.16 -2.59
N LEU A 348 25.93 -18.68 -2.87
CA LEU A 348 26.14 -19.78 -3.80
C LEU A 348 26.06 -21.10 -3.03
N GLN A 349 25.88 -22.19 -3.79
CA GLN A 349 25.86 -23.52 -3.16
C GLN A 349 27.10 -23.74 -2.29
N ASN A 350 28.26 -23.33 -2.78
CA ASN A 350 29.51 -23.53 -2.08
C ASN A 350 29.86 -22.42 -1.10
N THR A 351 28.93 -21.51 -0.78
CA THR A 351 29.19 -20.48 0.25
C THR A 351 28.11 -20.44 1.33
N VAL A 352 27.15 -21.35 1.29
CA VAL A 352 26.12 -21.40 2.34
C VAL A 352 26.75 -21.63 3.70
N ASN A 353 27.69 -22.60 3.80
CA ASN A 353 28.34 -22.84 5.09
C ASN A 353 29.06 -21.58 5.59
N ASP A 354 29.81 -20.93 4.71
CA ASP A 354 30.50 -19.69 5.08
C ASP A 354 29.52 -18.59 5.47
N PHE A 355 28.35 -18.52 4.84
CA PHE A 355 27.36 -17.51 5.21
C PHE A 355 26.92 -17.68 6.66
N TRP A 356 26.65 -18.92 7.09
CA TRP A 356 26.20 -19.10 8.46
C TRP A 356 27.34 -18.88 9.46
N ARG A 357 28.60 -19.21 9.08
CA ARG A 357 29.73 -18.87 9.93
C ARG A 357 29.80 -17.37 10.16
N MET A 358 29.61 -16.58 9.10
CA MET A 358 29.57 -15.13 9.22
C MET A 358 28.49 -14.68 10.18
N VAL A 359 27.25 -15.12 9.93
CA VAL A 359 26.13 -14.74 10.80
C VAL A 359 26.44 -15.09 12.26
N PHE A 360 26.96 -16.30 12.48
CA PHE A 360 27.28 -16.73 13.84
C PHE A 360 28.38 -15.86 14.44
N GLN A 361 29.49 -15.71 13.71
CA GLN A 361 30.66 -15.02 14.24
C GLN A 361 30.36 -13.56 14.54
N GLU A 362 29.55 -12.92 13.70
CA GLU A 362 29.25 -11.52 13.87
C GLU A 362 28.07 -11.30 14.80
N ASN A 363 27.47 -12.36 15.35
CA ASN A 363 26.36 -12.22 16.30
C ASN A 363 25.15 -11.51 15.67
N SER A 364 25.04 -11.58 14.34
CA SER A 364 23.87 -11.00 13.67
C SER A 364 22.61 -11.75 14.07
N ARG A 365 21.54 -11.00 14.30
CA ARG A 365 20.26 -11.58 14.68
C ARG A 365 19.15 -11.29 13.69
N VAL A 366 19.43 -10.53 12.63
CA VAL A 366 18.43 -10.14 11.65
C VAL A 366 19.08 -10.24 10.27
N ILE A 367 18.40 -10.90 9.32
CA ILE A 367 18.84 -10.97 7.93
C ILE A 367 17.73 -10.36 7.07
N VAL A 368 18.12 -9.48 6.16
CA VAL A 368 17.20 -8.86 5.22
C VAL A 368 17.58 -9.38 3.83
N MET A 369 16.66 -10.14 3.22
CA MET A 369 16.81 -10.67 1.87
C MET A 369 15.90 -9.87 0.94
N THR A 370 16.47 -9.29 -0.10
CA THR A 370 15.70 -8.36 -0.93
C THR A 370 15.47 -8.88 -2.34
N THR A 371 15.60 -10.19 -2.54
CA THR A 371 15.36 -10.78 -3.85
C THR A 371 14.55 -12.05 -3.61
N LYS A 372 13.79 -12.47 -4.63
CA LYS A 372 13.36 -13.86 -4.68
C LYS A 372 14.58 -14.74 -4.93
N GLU A 373 14.42 -16.04 -4.69
CA GLU A 373 15.44 -16.99 -5.10
C GLU A 373 15.61 -16.98 -6.62
N VAL A 374 14.50 -16.92 -7.34
CA VAL A 374 14.53 -16.93 -8.80
C VAL A 374 13.75 -15.72 -9.28
N GLU A 375 14.37 -14.91 -10.13
CA GLU A 375 13.69 -13.79 -10.77
C GLU A 375 13.97 -13.84 -12.27
N ARG A 376 12.90 -13.83 -13.07
CA ARG A 376 13.01 -13.94 -14.53
C ARG A 376 13.76 -15.21 -14.92
N GLY A 377 13.44 -16.33 -14.25
CA GLY A 377 14.10 -17.59 -14.49
C GLY A 377 15.57 -17.66 -14.11
N LYS A 378 16.15 -16.59 -13.55
CA LYS A 378 17.55 -16.58 -13.17
C LYS A 378 17.70 -16.81 -11.66
N SER A 379 18.73 -17.54 -11.26
CA SER A 379 18.97 -17.78 -9.84
C SER A 379 19.75 -16.60 -9.27
N LYS A 380 19.20 -15.98 -8.23
CA LYS A 380 19.84 -14.85 -7.58
C LYS A 380 20.31 -15.17 -6.17
N CYS A 381 19.86 -16.27 -5.59
CA CYS A 381 20.29 -16.69 -4.26
C CYS A 381 19.83 -18.12 -4.00
N VAL A 382 20.75 -19.01 -3.64
CA VAL A 382 20.32 -20.36 -3.30
C VAL A 382 19.60 -20.33 -1.95
N LYS A 383 18.72 -21.32 -1.75
CA LYS A 383 17.97 -21.43 -0.50
C LYS A 383 18.93 -21.87 0.60
N TYR A 384 19.29 -20.94 1.49
CA TYR A 384 20.24 -21.21 2.55
C TYR A 384 19.57 -21.46 3.89
N TRP A 385 18.25 -21.53 3.91
CA TRP A 385 17.53 -21.82 5.13
C TRP A 385 16.68 -23.08 4.98
N PRO A 386 16.36 -23.75 6.08
CA PRO A 386 15.53 -24.95 6.03
C PRO A 386 14.06 -24.62 5.76
N ASP A 387 13.31 -25.64 5.36
CA ASP A 387 11.87 -25.49 5.29
C ASP A 387 11.29 -25.28 6.67
N GLU A 388 10.11 -24.67 6.73
CA GLU A 388 9.46 -24.41 8.01
C GLU A 388 9.38 -25.71 8.80
N TYR A 389 9.71 -25.63 10.08
CA TYR A 389 9.81 -26.72 11.05
C TYR A 389 10.98 -27.65 10.80
N ALA A 390 11.75 -27.50 9.74
CA ALA A 390 12.87 -28.41 9.53
C ALA A 390 14.16 -27.89 10.17
N LEU A 391 15.12 -28.80 10.29
CA LEU A 391 16.43 -28.54 10.89
C LEU A 391 17.47 -29.04 9.92
N LYS A 392 18.49 -28.24 9.64
CA LYS A 392 19.60 -28.65 8.80
C LYS A 392 20.93 -28.26 9.43
N GLU A 393 21.97 -29.02 9.08
CA GLU A 393 23.35 -28.67 9.42
C GLU A 393 24.03 -28.15 8.17
N TYR A 394 24.65 -26.97 8.29
CA TYR A 394 25.44 -26.35 7.23
C TYR A 394 26.88 -26.31 7.76
N GLY A 395 27.65 -27.33 7.42
CA GLY A 395 28.93 -27.53 8.08
C GLY A 395 28.71 -27.62 9.58
N VAL A 396 29.48 -26.85 10.34
CA VAL A 396 29.41 -26.92 11.81
C VAL A 396 28.25 -26.13 12.39
N MET A 397 27.42 -25.51 11.56
CA MET A 397 26.34 -24.67 12.04
C MET A 397 24.99 -25.37 11.84
N ARG A 398 24.12 -25.26 12.81
CA ARG A 398 22.82 -25.90 12.79
C ARG A 398 21.77 -24.82 12.79
N VAL A 399 20.78 -24.94 11.90
CA VAL A 399 19.70 -23.97 11.77
C VAL A 399 18.37 -24.70 11.83
N ARG A 400 17.50 -24.26 12.73
CA ARG A 400 16.12 -24.71 12.74
C ARG A 400 15.23 -23.57 12.26
N ASN A 401 14.35 -23.86 11.32
CA ASN A 401 13.28 -22.92 10.91
C ASN A 401 12.11 -23.13 11.86
N VAL A 402 11.94 -22.22 12.83
CA VAL A 402 10.95 -22.39 13.89
C VAL A 402 9.55 -22.15 13.37
N LYS A 403 9.36 -21.09 12.59
CA LYS A 403 8.03 -20.65 12.15
C LYS A 403 8.23 -19.57 11.10
N GLU A 404 7.38 -19.59 10.09
CA GLU A 404 7.32 -18.57 9.07
C GLU A 404 6.04 -17.80 9.24
N SER A 405 6.08 -16.49 8.98
CA SER A 405 4.89 -15.65 8.99
C SER A 405 4.88 -14.84 7.71
N ALA A 406 3.78 -14.87 6.95
CA ALA A 406 3.70 -14.16 5.68
C ALA A 406 2.95 -12.85 5.86
N ALA A 407 3.51 -11.79 5.32
CA ALA A 407 2.80 -10.55 5.05
C ALA A 407 2.73 -10.41 3.54
N HIS A 408 2.08 -9.34 3.06
CA HIS A 408 1.99 -9.21 1.61
C HIS A 408 3.37 -8.97 1.01
N ASP A 409 4.14 -8.04 1.57
CA ASP A 409 5.42 -7.67 0.99
C ASP A 409 6.56 -8.61 1.38
N TYR A 410 6.39 -9.43 2.41
CA TYR A 410 7.54 -10.20 2.87
C TYR A 410 7.11 -11.41 3.67
N THR A 411 8.06 -12.33 3.79
CA THR A 411 7.94 -13.48 4.67
C THR A 411 8.97 -13.35 5.78
N LEU A 412 8.55 -13.59 7.01
CA LEU A 412 9.43 -13.61 8.16
C LEU A 412 9.69 -15.06 8.58
N ARG A 413 10.97 -15.43 8.73
CA ARG A 413 11.35 -16.76 9.12
C ARG A 413 12.09 -16.68 10.44
N GLU A 414 11.51 -17.28 11.48
CA GLU A 414 12.17 -17.34 12.77
C GLU A 414 13.12 -18.52 12.79
N LEU A 415 14.43 -18.24 12.74
CA LEU A 415 15.45 -19.29 12.68
C LEU A 415 16.18 -19.38 14.02
N LYS A 416 16.57 -20.59 14.40
CA LYS A 416 17.45 -20.79 15.56
C LYS A 416 18.79 -21.29 15.03
N LEU A 417 19.85 -20.52 15.27
CA LEU A 417 21.20 -20.84 14.81
C LEU A 417 22.04 -21.25 16.01
N SER A 418 22.81 -22.34 15.84
CA SER A 418 23.72 -22.77 16.89
C SER A 418 24.87 -23.54 16.27
N LYS A 419 25.95 -23.67 17.03
CA LYS A 419 27.09 -24.49 16.63
C LYS A 419 26.84 -25.94 17.02
N VAL A 420 27.07 -26.88 16.08
CA VAL A 420 26.88 -28.29 16.39
C VAL A 420 27.79 -28.65 17.55
N GLY A 421 27.32 -29.51 18.45
CA GLY A 421 28.12 -29.91 19.58
C GLY A 421 28.16 -28.95 20.76
N GLN A 422 27.40 -27.84 20.71
CA GLN A 422 27.45 -26.81 21.75
C GLN A 422 26.08 -26.14 21.83
N GLY A 423 25.16 -26.77 22.57
CA GLY A 423 23.80 -26.25 22.66
C GLY A 423 23.70 -24.88 23.30
N ASN A 424 24.69 -24.51 24.12
CA ASN A 424 24.71 -23.20 24.77
C ASN A 424 24.95 -22.04 23.82
N THR A 425 25.12 -22.27 22.51
CA THR A 425 25.41 -21.17 21.59
C THR A 425 24.20 -20.72 20.79
N GLU A 426 23.02 -21.20 21.13
CA GLU A 426 21.85 -20.94 20.30
C GLU A 426 21.43 -19.47 20.37
N ARG A 427 20.99 -18.94 19.24
CA ARG A 427 20.36 -17.63 19.21
C ARG A 427 19.36 -17.60 18.07
N THR A 428 18.35 -16.74 18.22
CA THR A 428 17.33 -16.60 17.20
C THR A 428 17.80 -15.58 16.16
N VAL A 429 17.68 -15.95 14.88
CA VAL A 429 17.99 -15.07 13.75
C VAL A 429 16.69 -14.87 12.98
N TRP A 430 16.31 -13.63 12.78
CA TRP A 430 15.03 -13.32 12.17
C TRP A 430 15.29 -12.92 10.73
N GLN A 431 14.83 -13.76 9.80
CA GLN A 431 15.05 -13.53 8.38
C GLN A 431 13.81 -12.86 7.79
N TYR A 432 13.99 -11.63 7.32
CA TYR A 432 12.96 -10.84 6.65
C TYR A 432 13.18 -10.94 5.16
N HIS A 433 12.36 -11.71 4.50
CA HIS A 433 12.52 -11.99 3.08
C HIS A 433 11.53 -11.14 2.29
N PHE A 434 12.02 -10.01 1.77
CA PHE A 434 11.20 -9.11 0.96
C PHE A 434 10.93 -9.72 -0.41
N ARG A 435 9.67 -9.80 -0.80
CA ARG A 435 9.26 -10.53 -1.98
C ARG A 435 8.65 -9.69 -3.11
N THR A 436 8.30 -8.43 -2.89
CA THR A 436 7.55 -7.69 -3.89
C THR A 436 8.38 -6.67 -4.68
N TRP A 437 9.71 -6.69 -4.55
CA TRP A 437 10.52 -5.80 -5.38
C TRP A 437 10.30 -6.15 -6.85
N PRO A 438 9.97 -5.18 -7.72
CA PRO A 438 9.60 -5.52 -9.10
C PRO A 438 10.79 -6.04 -9.89
N ASP A 439 10.46 -6.80 -10.94
CA ASP A 439 11.49 -7.34 -11.81
C ASP A 439 12.20 -6.24 -12.58
N HIS A 440 11.48 -5.18 -12.95
CA HIS A 440 12.08 -4.01 -13.58
C HIS A 440 11.94 -2.83 -12.65
N GLY A 441 13.04 -2.11 -12.45
CA GLY A 441 12.95 -0.79 -11.86
C GLY A 441 12.97 -0.81 -10.35
N VAL A 442 12.20 0.09 -9.76
CA VAL A 442 12.06 0.23 -8.32
C VAL A 442 10.57 0.25 -8.01
N PRO A 443 10.18 0.02 -6.75
CA PRO A 443 8.75 0.05 -6.45
C PRO A 443 8.20 1.44 -6.76
N SER A 444 6.96 1.47 -7.24
CA SER A 444 6.34 2.75 -7.56
C SER A 444 5.99 3.51 -6.29
N ASP A 445 5.71 2.81 -5.21
CA ASP A 445 5.42 3.43 -3.93
C ASP A 445 6.40 2.91 -2.87
N PRO A 446 7.00 3.79 -2.06
CA PRO A 446 7.96 3.33 -1.04
C PRO A 446 7.31 2.76 0.21
N GLY A 447 5.98 2.76 0.29
CA GLY A 447 5.32 2.39 1.54
C GLY A 447 5.69 1.00 2.02
N GLY A 448 5.67 0.02 1.12
CA GLY A 448 6.03 -1.35 1.49
C GLY A 448 7.47 -1.48 1.99
N VAL A 449 8.44 -0.88 1.28
CA VAL A 449 9.82 -0.90 1.78
C VAL A 449 9.92 -0.20 3.14
N LEU A 450 9.27 0.95 3.30
CA LEU A 450 9.38 1.67 4.57
C LEU A 450 8.74 0.91 5.73
N ASP A 451 7.54 0.35 5.54
CA ASP A 451 6.93 -0.41 6.62
C ASP A 451 7.76 -1.65 6.95
N PHE A 452 8.41 -2.25 5.94
CA PHE A 452 9.30 -3.38 6.16
C PHE A 452 10.49 -2.99 7.03
N LEU A 453 11.18 -1.92 6.65
CA LEU A 453 12.36 -1.49 7.41
C LEU A 453 12.00 -1.04 8.81
N GLU A 454 10.81 -0.45 8.98
CA GLU A 454 10.34 -0.08 10.31
C GLU A 454 10.22 -1.33 11.21
N GLU A 455 9.69 -2.42 10.66
CA GLU A 455 9.57 -3.67 11.41
C GLU A 455 10.94 -4.27 11.68
N VAL A 456 11.82 -4.27 10.67
CA VAL A 456 13.16 -4.80 10.86
C VAL A 456 13.89 -3.99 11.92
N HIS A 457 13.74 -2.67 11.89
CA HIS A 457 14.44 -1.82 12.86
C HIS A 457 14.01 -2.15 14.30
N HIS A 458 12.70 -2.31 14.52
CA HIS A 458 12.19 -2.60 15.85
C HIS A 458 12.59 -3.98 16.33
N LYS A 459 12.63 -4.96 15.44
CA LYS A 459 13.15 -6.28 15.82
C LYS A 459 14.58 -6.17 16.35
N GLN A 460 15.45 -5.52 15.56
CA GLN A 460 16.85 -5.34 15.93
C GLN A 460 17.00 -4.59 17.26
N GLU A 461 16.23 -3.51 17.42
CA GLU A 461 16.30 -2.72 18.64
C GLU A 461 15.81 -3.50 19.86
N SER A 462 14.93 -4.47 19.66
CA SER A 462 14.41 -5.25 20.78
C SER A 462 15.36 -6.35 21.23
N ILE A 463 16.47 -6.59 20.49
CA ILE A 463 17.38 -7.68 20.79
C ILE A 463 18.64 -7.11 21.39
N MET A 464 18.92 -7.45 22.64
CA MET A 464 20.06 -6.88 23.34
C MET A 464 21.36 -7.36 22.72
N ASP A 465 22.25 -6.41 22.43
CA ASP A 465 23.60 -6.70 21.91
C ASP A 465 23.60 -7.47 20.58
N ALA A 466 22.56 -7.34 19.78
CA ALA A 466 22.57 -7.94 18.45
C ALA A 466 23.69 -7.31 17.61
N GLY A 467 24.26 -8.12 16.71
CA GLY A 467 25.33 -7.66 15.83
C GLY A 467 24.76 -6.90 14.63
N PRO A 468 25.57 -6.74 13.58
CA PRO A 468 25.10 -6.01 12.39
C PRO A 468 23.94 -6.74 11.74
N VAL A 469 23.09 -5.96 11.07
CA VAL A 469 21.99 -6.55 10.31
C VAL A 469 22.56 -7.01 8.96
N VAL A 470 22.33 -8.27 8.59
CA VAL A 470 22.77 -8.76 7.30
C VAL A 470 21.77 -8.35 6.24
N VAL A 471 22.25 -7.77 5.13
CA VAL A 471 21.38 -7.37 4.02
C VAL A 471 21.98 -7.96 2.74
N HIS A 472 21.14 -8.64 1.93
CA HIS A 472 21.69 -9.17 0.69
C HIS A 472 20.63 -9.19 -0.41
N CYS A 473 21.10 -9.12 -1.65
CA CYS A 473 20.27 -9.37 -2.82
C CYS A 473 20.95 -10.44 -3.67
N SER A 474 21.31 -10.10 -4.90
CA SER A 474 22.04 -10.95 -5.83
C SER A 474 23.53 -10.66 -5.76
N ALA A 475 23.95 -9.52 -6.31
CA ALA A 475 25.34 -9.09 -6.17
C ALA A 475 25.57 -8.34 -4.86
N GLY A 476 24.50 -7.93 -4.17
CA GLY A 476 24.68 -7.27 -2.88
C GLY A 476 25.17 -5.84 -2.94
N ILE A 477 24.87 -5.09 -4.01
CA ILE A 477 25.28 -3.70 -4.08
C ILE A 477 24.13 -2.79 -4.50
N GLY A 478 23.24 -3.25 -5.36
CA GLY A 478 22.20 -2.36 -5.86
C GLY A 478 21.01 -2.23 -4.94
N ARG A 479 20.16 -3.26 -4.98
CA ARG A 479 19.05 -3.31 -4.04
C ARG A 479 19.57 -3.25 -2.60
N THR A 480 20.63 -4.01 -2.31
CA THR A 480 21.19 -4.02 -0.94
C THR A 480 21.63 -2.61 -0.50
N GLY A 481 22.32 -1.88 -1.37
CA GLY A 481 22.71 -0.53 -1.00
C GLY A 481 21.52 0.38 -0.83
N THR A 482 20.51 0.20 -1.66
CA THR A 482 19.33 1.06 -1.60
C THR A 482 18.60 0.87 -0.27
N PHE A 483 18.39 -0.39 0.14
CA PHE A 483 17.75 -0.63 1.44
C PHE A 483 18.58 -0.07 2.57
N ILE A 484 19.90 -0.29 2.53
CA ILE A 484 20.73 0.15 3.65
C ILE A 484 20.77 1.68 3.74
N VAL A 485 20.88 2.36 2.60
CA VAL A 485 20.90 3.83 2.64
C VAL A 485 19.59 4.37 3.19
N ILE A 486 18.45 3.84 2.72
CA ILE A 486 17.16 4.30 3.24
C ILE A 486 17.09 4.09 4.75
N ASP A 487 17.55 2.91 5.22
CA ASP A 487 17.53 2.63 6.66
C ASP A 487 18.37 3.62 7.46
N ILE A 488 19.56 3.94 6.94
CA ILE A 488 20.42 4.90 7.62
C ILE A 488 19.72 6.26 7.73
N LEU A 489 19.10 6.71 6.64
CA LEU A 489 18.48 8.05 6.64
C LEU A 489 17.24 8.08 7.52
N ILE A 490 16.40 7.06 7.40
CA ILE A 490 15.19 6.94 8.21
C ILE A 490 15.55 6.89 9.70
N ASP A 491 16.67 6.23 10.04
CA ASP A 491 17.03 6.17 11.45
C ASP A 491 17.40 7.52 12.02
N ILE A 492 17.98 8.40 11.20
CA ILE A 492 18.26 9.76 11.68
C ILE A 492 16.95 10.49 11.94
N ILE A 493 16.02 10.43 10.99
CA ILE A 493 14.75 11.12 11.18
C ILE A 493 13.95 10.50 12.31
N ARG A 494 14.02 9.17 12.49
CA ARG A 494 13.24 8.51 13.53
C ARG A 494 13.59 9.07 14.91
N GLU A 495 14.87 9.36 15.14
CA GLU A 495 15.31 9.84 16.44
C GLU A 495 15.42 11.36 16.53
N LYS A 496 15.35 12.08 15.40
CA LYS A 496 15.48 13.54 15.39
C LYS A 496 14.29 14.26 14.79
N GLY A 497 13.31 13.55 14.23
CA GLY A 497 12.20 14.23 13.61
C GLY A 497 12.65 15.07 12.43
N VAL A 498 12.04 16.25 12.28
CA VAL A 498 12.40 17.13 11.18
C VAL A 498 13.61 18.01 11.49
N ASP A 499 14.06 18.06 12.73
CA ASP A 499 15.17 18.95 13.07
C ASP A 499 16.50 18.19 12.90
N CYS A 500 16.76 17.80 11.66
CA CYS A 500 18.01 17.11 11.37
C CYS A 500 18.38 17.38 9.92
N ASP A 501 19.68 17.39 9.66
CA ASP A 501 20.16 17.46 8.29
C ASP A 501 20.16 16.08 7.66
N ILE A 502 19.81 16.01 6.39
CA ILE A 502 20.03 14.80 5.60
C ILE A 502 20.77 15.19 4.34
N ASP A 503 21.71 14.34 3.94
CA ASP A 503 22.54 14.54 2.76
C ASP A 503 22.59 13.19 2.05
N VAL A 504 21.67 12.96 1.11
CA VAL A 504 21.58 11.67 0.45
C VAL A 504 22.87 11.30 -0.28
N PRO A 505 23.42 12.12 -1.17
CA PRO A 505 24.62 11.66 -1.90
C PRO A 505 25.82 11.52 -1.00
N LYS A 506 25.96 12.36 0.04
CA LYS A 506 27.05 12.14 0.98
C LYS A 506 26.91 10.79 1.68
N THR A 507 25.69 10.48 2.15
CA THR A 507 25.44 9.16 2.76
C THR A 507 25.81 8.03 1.81
N ILE A 508 25.39 8.13 0.54
CA ILE A 508 25.70 7.06 -0.41
C ILE A 508 27.21 6.92 -0.62
N GLN A 509 27.90 8.06 -0.85
CA GLN A 509 29.35 8.05 -1.03
C GLN A 509 30.06 7.42 0.18
N MET A 510 29.60 7.72 1.39
CA MET A 510 30.18 7.11 2.56
C MET A 510 29.95 5.59 2.56
N VAL A 511 28.76 5.14 2.14
CA VAL A 511 28.54 3.70 2.09
C VAL A 511 29.31 3.05 0.93
N ARG A 512 29.46 3.76 -0.19
CA ARG A 512 30.26 3.29 -1.33
C ARG A 512 31.74 3.15 -0.99
N SER A 513 32.22 3.80 0.07
CA SER A 513 33.59 3.63 0.47
C SER A 513 33.79 2.36 1.28
N GLN A 514 32.71 1.68 1.67
CA GLN A 514 32.81 0.43 2.41
C GLN A 514 32.39 -0.80 1.62
N ARG A 515 31.68 -0.63 0.50
CA ARG A 515 31.46 -1.70 -0.49
C ARG A 515 31.22 -1.07 -1.86
N SER A 516 31.80 -1.67 -2.91
CA SER A 516 31.78 -1.09 -4.26
C SER A 516 30.36 -0.87 -4.78
N GLY A 517 30.10 0.32 -5.32
CA GLY A 517 28.88 0.48 -6.11
C GLY A 517 27.56 0.40 -5.33
N MET A 518 27.60 0.61 -4.01
CA MET A 518 26.34 0.65 -3.25
C MET A 518 25.43 1.73 -3.82
N VAL A 519 24.24 1.28 -4.26
CA VAL A 519 23.23 2.05 -5.00
C VAL A 519 23.67 2.14 -6.46
N GLN A 520 22.97 1.39 -7.31
CA GLN A 520 23.43 1.17 -8.66
C GLN A 520 22.90 2.21 -9.65
N THR A 521 21.65 2.64 -9.51
CA THR A 521 21.01 3.36 -10.60
C THR A 521 20.40 4.68 -10.16
N GLU A 522 20.09 5.49 -11.17
CA GLU A 522 19.36 6.72 -10.92
CA GLU A 522 19.35 6.73 -10.93
C GLU A 522 17.95 6.44 -10.40
N ALA A 523 17.31 5.37 -10.87
CA ALA A 523 15.98 5.06 -10.39
C ALA A 523 15.99 4.68 -8.89
N GLN A 524 17.03 3.97 -8.45
CA GLN A 524 17.21 3.72 -7.03
C GLN A 524 17.54 5.00 -6.27
N TYR A 525 18.40 5.84 -6.83
CA TYR A 525 18.69 7.13 -6.20
C TYR A 525 17.41 7.92 -5.96
N ARG A 526 16.57 8.01 -6.99
CA ARG A 526 15.29 8.70 -6.88
C ARG A 526 14.39 8.06 -5.84
N PHE A 527 14.32 6.71 -5.85
CA PHE A 527 13.50 5.99 -4.89
C PHE A 527 13.94 6.28 -3.45
N ILE A 528 15.25 6.40 -3.21
CA ILE A 528 15.73 6.78 -1.89
C ILE A 528 15.14 8.13 -1.46
N TYR A 529 15.20 9.12 -2.36
CA TYR A 529 14.58 10.40 -2.06
C TYR A 529 13.09 10.24 -1.83
N MET A 530 12.40 9.44 -2.65
CA MET A 530 10.97 9.27 -2.48
CA MET A 530 10.96 9.26 -2.48
C MET A 530 10.64 8.58 -1.15
N ALA A 531 11.45 7.59 -0.75
CA ALA A 531 11.22 6.92 0.53
C ALA A 531 11.43 7.87 1.71
N VAL A 532 12.47 8.69 1.66
CA VAL A 532 12.69 9.66 2.74
C VAL A 532 11.54 10.67 2.81
N GLN A 533 11.09 11.18 1.66
CA GLN A 533 9.99 12.14 1.66
C GLN A 533 8.74 11.53 2.27
N HIS A 534 8.40 10.30 1.85
CA HIS A 534 7.20 9.65 2.38
C HIS A 534 7.32 9.42 3.87
N TYR A 535 8.52 9.08 4.36
CA TYR A 535 8.66 8.85 5.80
C TYR A 535 8.47 10.14 6.58
N ILE A 536 9.07 11.24 6.12
CA ILE A 536 8.90 12.50 6.82
C ILE A 536 7.45 12.95 6.80
N GLU A 537 6.70 12.64 5.74
CA GLU A 537 5.32 13.14 5.66
C GLU A 537 4.40 12.37 6.59
N THR A 538 4.70 11.11 6.89
CA THR A 538 3.85 10.30 7.76
C THR A 538 4.24 10.45 9.22
N LEU A 539 5.02 11.46 9.57
CA LEU A 539 5.27 11.77 10.96
C LEU A 539 4.10 12.57 11.53
N THR B 16 -38.12 -17.24 5.83
CA THR B 16 -37.10 -17.55 6.83
C THR B 16 -37.32 -16.70 8.08
N SER B 17 -36.35 -16.73 8.99
CA SER B 17 -36.49 -16.08 10.29
C SER B 17 -35.13 -15.90 10.94
N ARG B 18 -34.98 -14.83 11.70
CA ARG B 18 -33.77 -14.54 12.47
C ARG B 18 -34.01 -14.66 13.98
N ARG B 19 -34.88 -15.58 14.38
CA ARG B 19 -35.21 -15.72 15.78
C ARG B 19 -34.03 -16.19 16.61
N TRP B 20 -33.01 -16.79 15.99
CA TRP B 20 -31.84 -17.29 16.70
C TRP B 20 -30.91 -16.19 17.18
N PHE B 21 -31.19 -14.91 16.85
CA PHE B 21 -30.36 -13.80 17.32
C PHE B 21 -31.02 -13.19 18.55
N HIS B 22 -30.29 -13.18 19.68
CA HIS B 22 -30.83 -12.64 20.93
C HIS B 22 -30.13 -11.34 21.28
N PRO B 23 -30.74 -10.19 21.04
CA PRO B 23 -30.00 -8.92 21.17
C PRO B 23 -29.64 -8.52 22.60
N ASN B 24 -30.30 -9.07 23.64
CA ASN B 24 -30.22 -8.49 24.99
C ASN B 24 -29.90 -9.50 26.08
N ILE B 25 -29.27 -10.61 25.75
CA ILE B 25 -28.94 -11.61 26.76
C ILE B 25 -27.46 -11.54 27.04
N THR B 26 -27.10 -11.90 28.27
CA THR B 26 -25.70 -12.04 28.63
C THR B 26 -25.23 -13.45 28.29
N GLY B 27 -23.92 -13.66 28.38
CA GLY B 27 -23.37 -14.99 28.19
C GLY B 27 -23.91 -16.02 29.17
N VAL B 28 -24.18 -15.61 30.43
CA VAL B 28 -24.74 -16.53 31.41
C VAL B 28 -26.15 -16.94 31.02
N GLU B 29 -26.98 -15.95 30.66
CA GLU B 29 -28.32 -16.29 30.20
C GLU B 29 -28.26 -17.15 28.95
N ALA B 30 -27.27 -16.92 28.07
CA ALA B 30 -27.08 -17.77 26.90
C ALA B 30 -26.84 -19.21 27.32
N GLU B 31 -25.90 -19.45 28.20
CA GLU B 31 -25.61 -20.83 28.59
C GLU B 31 -26.81 -21.45 29.27
N ASN B 32 -27.49 -20.70 30.13
CA ASN B 32 -28.62 -21.27 30.85
C ASN B 32 -29.72 -21.67 29.88
N LEU B 33 -29.98 -20.79 28.91
CA LEU B 33 -31.02 -21.05 27.91
C LEU B 33 -30.71 -22.31 27.13
N LEU B 34 -29.48 -22.43 26.65
CA LEU B 34 -29.11 -23.61 25.86
C LEU B 34 -29.17 -24.88 26.70
N LEU B 35 -28.81 -24.79 27.98
CA LEU B 35 -28.72 -25.97 28.84
C LEU B 35 -30.09 -26.41 29.37
N THR B 36 -31.01 -25.46 29.55
CA THR B 36 -32.33 -25.79 30.08
C THR B 36 -33.38 -25.95 28.98
N ARG B 37 -33.19 -25.35 27.82
CA ARG B 37 -34.20 -25.39 26.77
C ARG B 37 -33.66 -25.85 25.41
N GLY B 38 -32.35 -26.05 25.26
CA GLY B 38 -31.80 -26.61 24.06
C GLY B 38 -31.35 -28.06 24.24
N VAL B 39 -31.00 -28.66 23.12
CA VAL B 39 -30.36 -29.98 23.07
C VAL B 39 -29.03 -29.82 22.36
N ASP B 40 -28.29 -30.92 22.24
CA ASP B 40 -27.05 -30.91 21.47
C ASP B 40 -27.34 -30.49 20.03
N GLY B 41 -26.58 -29.51 19.52
CA GLY B 41 -26.85 -28.90 18.23
C GLY B 41 -27.69 -27.63 18.28
N SER B 42 -28.27 -27.30 19.43
CA SER B 42 -28.99 -26.03 19.60
C SER B 42 -27.98 -24.88 19.60
N PHE B 43 -28.41 -23.73 19.09
CA PHE B 43 -27.48 -22.61 18.97
C PHE B 43 -28.23 -21.30 18.99
N LEU B 44 -27.50 -20.24 19.34
CA LEU B 44 -28.01 -18.89 19.23
C LEU B 44 -26.81 -17.98 18.98
N ALA B 45 -27.10 -16.75 18.60
CA ALA B 45 -26.07 -15.76 18.38
C ALA B 45 -26.45 -14.51 19.13
N ARG B 46 -25.45 -13.73 19.53
CA ARG B 46 -25.74 -12.61 20.40
C ARG B 46 -24.64 -11.56 20.28
N PRO B 47 -24.94 -10.30 20.54
CA PRO B 47 -23.90 -9.27 20.50
C PRO B 47 -23.10 -9.28 21.80
N SER B 48 -21.81 -8.95 21.68
CA SER B 48 -21.01 -8.88 22.90
C SER B 48 -21.36 -7.65 23.70
N LYS B 49 -21.35 -7.79 25.02
CA LYS B 49 -21.87 -6.76 25.90
C LYS B 49 -20.99 -5.53 25.85
N SER B 50 -21.61 -4.39 25.49
CA SER B 50 -20.98 -3.07 25.46
C SER B 50 -19.79 -2.99 24.52
N ASN B 51 -19.71 -3.89 23.53
CA ASN B 51 -18.63 -3.90 22.56
C ASN B 51 -19.22 -4.01 21.16
N PRO B 52 -19.11 -2.98 20.33
CA PRO B 52 -19.70 -3.03 19.00
C PRO B 52 -18.86 -3.84 18.03
N GLY B 53 -19.52 -4.48 17.09
CA GLY B 53 -18.83 -5.29 16.10
C GLY B 53 -18.39 -6.63 16.62
N ASP B 54 -18.61 -6.91 17.90
CA ASP B 54 -18.27 -8.20 18.48
C ASP B 54 -19.55 -8.99 18.71
N PHE B 55 -19.57 -10.22 18.23
CA PHE B 55 -20.70 -11.13 18.39
C PHE B 55 -20.19 -12.49 18.86
N THR B 56 -21.10 -13.29 19.40
CA THR B 56 -20.78 -14.64 19.86
C THR B 56 -21.81 -15.63 19.32
N LEU B 57 -21.34 -16.73 18.74
CA LEU B 57 -22.19 -17.88 18.41
C LEU B 57 -22.07 -18.88 19.55
N SER B 58 -23.15 -19.08 20.31
CA SER B 58 -23.17 -20.03 21.42
C SER B 58 -23.83 -21.32 20.97
N VAL B 59 -23.12 -22.44 21.08
CA VAL B 59 -23.59 -23.75 20.61
C VAL B 59 -23.56 -24.78 21.74
N ARG B 60 -24.63 -25.57 21.86
CA ARG B 60 -24.63 -26.69 22.79
C ARG B 60 -24.13 -27.96 22.13
N ARG B 61 -23.24 -28.68 22.80
CA ARG B 61 -22.80 -29.97 22.30
C ARG B 61 -22.31 -30.85 23.44
N ASN B 62 -22.77 -32.11 23.47
CA ASN B 62 -22.41 -33.08 24.51
C ASN B 62 -22.68 -32.52 25.91
N GLY B 63 -23.84 -31.90 26.10
CA GLY B 63 -24.17 -31.29 27.37
C GLY B 63 -23.30 -30.11 27.79
N ALA B 64 -22.41 -29.63 26.91
CA ALA B 64 -21.59 -28.46 27.19
C ALA B 64 -21.91 -27.34 26.19
N VAL B 65 -21.55 -26.11 26.54
CA VAL B 65 -21.83 -24.94 25.70
C VAL B 65 -20.51 -24.32 25.22
N THR B 66 -20.33 -24.24 23.91
CA THR B 66 -19.18 -23.58 23.32
C THR B 66 -19.57 -22.18 22.88
N HIS B 67 -18.72 -21.20 23.16
CA HIS B 67 -18.91 -19.84 22.69
C HIS B 67 -17.87 -19.54 21.63
N ILE B 68 -18.32 -19.20 20.41
CA ILE B 68 -17.42 -18.90 19.30
C ILE B 68 -17.52 -17.42 18.98
N LYS B 69 -16.37 -16.78 18.86
CA LYS B 69 -16.32 -15.33 18.71
C LYS B 69 -16.51 -14.95 17.24
N ILE B 70 -17.26 -13.89 17.01
CA ILE B 70 -17.42 -13.31 15.67
C ILE B 70 -17.03 -11.85 15.75
N GLN B 71 -16.04 -11.44 14.96
CA GLN B 71 -15.68 -10.02 14.94
C GLN B 71 -15.98 -9.38 13.60
N ASN B 72 -16.32 -8.10 13.67
CA ASN B 72 -16.55 -7.30 12.47
C ASN B 72 -16.00 -5.91 12.73
N THR B 73 -14.88 -5.57 12.08
CA THR B 73 -14.31 -4.24 12.19
C THR B 73 -14.83 -3.29 11.12
N GLY B 74 -15.67 -3.77 10.21
CA GLY B 74 -16.17 -2.95 9.14
C GLY B 74 -16.19 -3.64 7.77
N ASP B 75 -15.56 -4.79 7.61
CA ASP B 75 -15.41 -5.38 6.27
C ASP B 75 -16.20 -6.65 6.06
N TYR B 76 -16.37 -7.48 7.12
CA TYR B 76 -17.06 -8.77 7.03
C TYR B 76 -17.19 -9.31 8.45
N TYR B 77 -18.08 -10.31 8.63
CA TYR B 77 -18.18 -11.04 9.89
C TYR B 77 -17.14 -12.16 9.85
N ASP B 78 -16.14 -12.09 10.73
CA ASP B 78 -15.02 -13.04 10.78
C ASP B 78 -15.25 -14.04 11.91
N LEU B 79 -15.62 -15.27 11.54
CA LEU B 79 -15.91 -16.30 12.53
C LEU B 79 -14.62 -17.02 12.89
N TYR B 80 -14.28 -17.02 14.17
CA TYR B 80 -13.08 -17.73 14.63
C TYR B 80 -13.20 -19.23 14.36
N GLY B 81 -12.21 -19.80 13.69
CA GLY B 81 -12.26 -21.21 13.35
C GLY B 81 -13.23 -21.54 12.23
N GLY B 82 -13.73 -20.52 11.54
CA GLY B 82 -14.64 -20.67 10.42
C GLY B 82 -14.20 -19.74 9.30
N GLU B 83 -15.19 -19.24 8.57
CA GLU B 83 -14.95 -18.43 7.39
C GLU B 83 -15.44 -17.00 7.62
N LYS B 84 -15.30 -16.16 6.59
CA LYS B 84 -15.75 -14.77 6.65
C LYS B 84 -17.08 -14.64 5.91
N PHE B 85 -18.01 -13.87 6.48
CA PHE B 85 -19.36 -13.85 5.92
C PHE B 85 -19.87 -12.43 5.78
N ALA B 86 -20.87 -12.25 4.91
CA ALA B 86 -21.44 -10.93 4.68
C ALA B 86 -22.49 -10.57 5.71
N THR B 87 -23.26 -11.55 6.21
CA THR B 87 -24.26 -11.29 7.25
C THR B 87 -24.31 -12.50 8.19
N LEU B 88 -24.77 -12.25 9.42
CA LEU B 88 -24.99 -13.38 10.33
C LEU B 88 -25.92 -14.42 9.74
N ALA B 89 -26.99 -13.99 9.05
CA ALA B 89 -27.92 -14.97 8.46
C ALA B 89 -27.25 -15.86 7.40
N GLU B 90 -26.37 -15.28 6.55
CA GLU B 90 -25.69 -16.10 5.55
C GLU B 90 -24.70 -17.04 6.21
N LEU B 91 -24.07 -16.58 7.29
CA LEU B 91 -23.21 -17.43 8.11
C LEU B 91 -23.99 -18.64 8.64
N VAL B 92 -25.11 -18.39 9.32
CA VAL B 92 -25.92 -19.48 9.88
C VAL B 92 -26.47 -20.39 8.78
N GLN B 93 -26.98 -19.79 7.69
CA GLN B 93 -27.43 -20.62 6.58
C GLN B 93 -26.31 -21.53 6.10
N TYR B 94 -25.09 -20.99 5.97
CA TYR B 94 -23.99 -21.78 5.44
C TYR B 94 -23.71 -23.01 6.31
N TYR B 95 -23.60 -22.83 7.63
CA TYR B 95 -23.24 -23.96 8.48
C TYR B 95 -24.41 -24.91 8.73
N MET B 96 -25.65 -24.44 8.65
CA MET B 96 -26.75 -25.40 8.76
C MET B 96 -26.85 -26.29 7.54
N GLU B 97 -26.38 -25.84 6.38
CA GLU B 97 -26.42 -26.62 5.15
C GLU B 97 -25.10 -27.28 4.82
N HIS B 98 -24.04 -27.04 5.61
CA HIS B 98 -22.70 -27.61 5.37
C HIS B 98 -22.10 -27.98 6.73
N HIS B 99 -22.48 -29.16 7.24
CA HIS B 99 -21.89 -29.66 8.47
C HIS B 99 -20.46 -30.13 8.23
N GLY B 100 -19.72 -30.27 9.33
CA GLY B 100 -18.30 -30.58 9.24
C GLY B 100 -17.42 -29.39 8.93
N GLN B 101 -18.00 -28.23 8.65
CA GLN B 101 -17.20 -27.06 8.32
C GLN B 101 -16.78 -26.26 9.56
N LEU B 102 -17.63 -26.22 10.59
CA LEU B 102 -17.29 -25.51 11.81
C LEU B 102 -16.54 -26.45 12.75
N LYS B 103 -15.35 -26.05 13.17
CA LYS B 103 -14.51 -26.94 13.95
C LYS B 103 -13.88 -26.17 15.10
N GLU B 104 -13.63 -26.89 16.19
CA GLU B 104 -12.97 -26.31 17.36
C GLU B 104 -11.51 -26.01 17.07
N GLY B 107 -10.27 -29.25 16.87
CA GLY B 107 -10.54 -29.88 15.59
C GLY B 107 -11.85 -30.63 15.52
N ASP B 108 -12.53 -30.85 16.64
CA ASP B 108 -13.82 -31.53 16.62
C ASP B 108 -14.88 -30.67 15.93
N VAL B 109 -15.79 -31.35 15.24
CA VAL B 109 -16.82 -30.69 14.44
C VAL B 109 -17.90 -30.14 15.37
N ILE B 110 -18.27 -28.87 15.16
CA ILE B 110 -19.36 -28.22 15.88
C ILE B 110 -20.51 -28.11 14.90
N GLU B 111 -21.68 -28.64 15.28
CA GLU B 111 -22.83 -28.72 14.40
C GLU B 111 -23.88 -27.69 14.79
N LEU B 112 -24.33 -26.90 13.83
CA LEU B 112 -25.48 -26.01 14.04
C LEU B 112 -26.71 -26.77 13.52
N LYS B 113 -27.60 -27.18 14.44
CA LYS B 113 -28.76 -27.98 14.06
C LYS B 113 -30.08 -27.28 14.35
N TYR B 114 -30.25 -26.80 15.58
CA TYR B 114 -31.52 -26.25 16.06
C TYR B 114 -31.37 -24.83 16.52
N PRO B 115 -31.87 -23.83 15.78
CA PRO B 115 -31.89 -22.48 16.34
C PRO B 115 -32.70 -22.46 17.61
N LEU B 116 -32.20 -21.74 18.62
CA LEU B 116 -32.95 -21.45 19.84
C LEU B 116 -33.60 -20.08 19.67
N ASN B 117 -34.93 -20.08 19.60
CA ASN B 117 -35.66 -18.87 19.26
C ASN B 117 -35.66 -17.89 20.42
N CYS B 118 -35.54 -16.61 20.09
CA CYS B 118 -35.63 -15.50 21.03
C CYS B 118 -37.06 -14.99 21.07
N ALA B 119 -37.55 -14.64 22.25
CA ALA B 119 -38.88 -14.05 22.34
C ALA B 119 -38.85 -12.53 22.46
N ASP B 120 -37.68 -11.93 22.68
CA ASP B 120 -37.55 -10.48 22.82
C ASP B 120 -38.07 -9.77 21.58
N PRO B 121 -38.99 -8.81 21.69
CA PRO B 121 -39.48 -8.08 20.51
C PRO B 121 -38.82 -6.74 20.25
N THR B 122 -37.77 -6.38 20.99
CA THR B 122 -37.19 -5.03 20.86
C THR B 122 -36.58 -4.76 19.50
N SER B 123 -36.31 -5.79 18.69
CA SER B 123 -35.67 -5.61 17.38
C SER B 123 -36.64 -5.77 16.23
N GLU B 124 -37.94 -5.71 16.51
CA GLU B 124 -38.96 -5.77 15.48
C GLU B 124 -39.39 -4.34 15.14
N ARG B 125 -39.69 -4.12 13.85
CA ARG B 125 -40.04 -2.79 13.41
C ARG B 125 -41.32 -2.28 14.04
N TRP B 126 -42.25 -3.19 14.38
CA TRP B 126 -43.58 -2.83 14.91
C TRP B 126 -43.64 -2.69 16.43
N PHE B 127 -42.58 -2.95 17.17
CA PHE B 127 -42.66 -2.90 18.64
C PHE B 127 -42.23 -1.53 19.17
N HIS B 128 -43.16 -0.82 19.84
CA HIS B 128 -42.89 0.55 20.29
C HIS B 128 -42.71 0.69 21.79
N GLY B 129 -42.86 -0.37 22.58
CA GLY B 129 -42.65 -0.24 24.01
C GLY B 129 -43.64 0.73 24.63
N HIS B 130 -43.13 1.61 25.49
CA HIS B 130 -44.02 2.51 26.21
C HIS B 130 -44.59 3.53 25.25
N LEU B 131 -45.90 3.49 25.05
CA LEU B 131 -46.54 4.38 24.09
C LEU B 131 -48.02 4.44 24.41
N SER B 132 -48.55 5.66 24.50
CA SER B 132 -49.94 5.81 24.86
C SER B 132 -50.84 5.50 23.67
N GLY B 133 -52.11 5.25 23.98
CA GLY B 133 -53.08 4.99 22.93
C GLY B 133 -53.29 6.17 22.01
N LYS B 134 -53.33 7.39 22.57
CA LYS B 134 -53.56 8.55 21.71
C LYS B 134 -52.30 8.90 20.95
N GLU B 135 -51.12 8.72 21.55
CA GLU B 135 -49.88 8.87 20.80
C GLU B 135 -49.86 7.92 19.61
N ALA B 136 -50.26 6.66 19.81
CA ALA B 136 -50.22 5.70 18.72
C ALA B 136 -51.21 6.07 17.63
N GLU B 137 -52.37 6.61 18.02
CA GLU B 137 -53.34 7.04 17.02
C GLU B 137 -52.80 8.23 16.23
N LYS B 138 -52.11 9.14 16.91
CA LYS B 138 -51.50 10.28 16.23
C LYS B 138 -50.52 9.81 15.16
N LEU B 139 -49.61 8.90 15.52
CA LEU B 139 -48.66 8.38 14.54
C LEU B 139 -49.35 7.67 13.39
N LEU B 140 -50.34 6.81 13.68
CA LEU B 140 -51.01 6.08 12.60
C LEU B 140 -51.79 7.02 11.69
N THR B 141 -52.23 8.15 12.24
CA THR B 141 -52.97 9.14 11.46
C THR B 141 -52.06 9.90 10.50
N GLU B 142 -50.84 10.20 10.93
CA GLU B 142 -49.91 10.98 10.11
C GLU B 142 -49.16 10.11 9.12
N LYS B 143 -48.72 8.91 9.54
CA LYS B 143 -47.82 8.11 8.73
C LYS B 143 -48.44 6.81 8.25
N GLY B 144 -49.53 6.35 8.87
CA GLY B 144 -50.06 5.05 8.55
C GLY B 144 -50.93 5.03 7.31
N LYS B 145 -51.07 3.84 6.75
CA LYS B 145 -51.99 3.53 5.67
C LYS B 145 -52.81 2.31 6.09
N HIS B 146 -53.68 1.86 5.19
CA HIS B 146 -54.49 0.69 5.48
C HIS B 146 -53.60 -0.51 5.80
N GLY B 147 -53.76 -1.07 6.99
CA GLY B 147 -53.00 -2.21 7.43
C GLY B 147 -51.73 -1.89 8.19
N SER B 148 -51.42 -0.59 8.39
CA SER B 148 -50.29 -0.22 9.24
C SER B 148 -50.60 -0.56 10.69
N PHE B 149 -49.62 -1.11 11.40
CA PHE B 149 -49.84 -1.56 12.76
C PHE B 149 -48.58 -1.41 13.61
N LEU B 150 -48.80 -1.39 14.93
CA LEU B 150 -47.74 -1.37 15.92
C LEU B 150 -48.23 -2.12 17.15
N VAL B 151 -47.27 -2.53 17.98
CA VAL B 151 -47.54 -3.19 19.24
C VAL B 151 -46.89 -2.34 20.31
N ARG B 152 -47.60 -2.08 21.40
CA ARG B 152 -47.14 -1.18 22.44
C ARG B 152 -47.49 -1.76 23.80
N GLU B 153 -46.79 -1.28 24.82
CA GLU B 153 -47.15 -1.65 26.19
C GLU B 153 -48.51 -1.07 26.55
N SER B 154 -49.29 -1.84 27.31
CA SER B 154 -50.55 -1.35 27.85
C SER B 154 -50.27 -0.44 29.03
N GLN B 155 -50.88 0.75 29.03
CA GLN B 155 -50.65 1.69 30.12
C GLN B 155 -51.60 1.47 31.29
N SER B 156 -52.79 0.93 31.04
CA SER B 156 -53.71 0.65 32.14
C SER B 156 -53.37 -0.67 32.82
N HIS B 157 -53.27 -1.75 32.05
CA HIS B 157 -52.95 -3.06 32.59
C HIS B 157 -51.46 -3.30 32.47
N PRO B 158 -50.71 -3.30 33.57
CA PRO B 158 -49.26 -3.49 33.45
C PRO B 158 -48.93 -4.91 33.00
N GLY B 159 -47.89 -5.01 32.18
CA GLY B 159 -47.46 -6.28 31.66
C GLY B 159 -48.20 -6.75 30.42
N ASP B 160 -49.40 -6.21 30.15
CA ASP B 160 -50.11 -6.55 28.93
C ASP B 160 -49.65 -5.63 27.81
N PHE B 161 -50.09 -5.93 26.58
CA PHE B 161 -49.71 -5.16 25.40
C PHE B 161 -50.95 -4.80 24.61
N VAL B 162 -50.79 -3.87 23.66
CA VAL B 162 -51.86 -3.46 22.77
C VAL B 162 -51.35 -3.53 21.33
N LEU B 163 -52.17 -4.07 20.45
CA LEU B 163 -51.94 -4.03 19.01
C LEU B 163 -52.83 -2.95 18.43
N SER B 164 -52.22 -1.89 17.89
CA SER B 164 -52.97 -0.79 17.30
C SER B 164 -52.83 -0.84 15.78
N VAL B 165 -53.97 -0.85 15.08
CA VAL B 165 -54.02 -1.10 13.65
C VAL B 165 -54.86 -0.03 12.96
N ARG B 166 -54.36 0.49 11.85
CA ARG B 166 -55.13 1.39 11.02
C ARG B 166 -55.77 0.61 9.87
N THR B 167 -57.04 0.93 9.57
CA THR B 167 -57.74 0.42 8.39
C THR B 167 -58.56 1.54 7.77
N GLY B 168 -58.73 1.48 6.46
CA GLY B 168 -59.55 2.49 5.81
C GLY B 168 -59.27 2.56 4.31
N ASP B 169 -59.54 3.74 3.75
CA ASP B 169 -59.31 4.00 2.33
C ASP B 169 -58.04 4.80 2.07
N ASP B 170 -57.65 5.67 2.99
CA ASP B 170 -56.41 6.41 2.82
C ASP B 170 -55.22 5.51 3.15
N ASP B 176 -61.54 12.81 7.25
CA ASP B 176 -62.95 12.58 7.51
C ASP B 176 -63.18 11.18 8.10
N GLY B 177 -64.24 10.49 7.66
CA GLY B 177 -64.57 9.22 8.28
C GLY B 177 -64.21 7.98 7.48
N LYS B 178 -63.23 8.09 6.59
CA LYS B 178 -62.88 6.95 5.73
C LYS B 178 -62.04 5.89 6.46
N SER B 179 -61.21 6.30 7.42
CA SER B 179 -60.30 5.39 8.09
C SER B 179 -60.49 5.45 9.59
N LYS B 180 -59.99 4.41 10.29
CA LYS B 180 -60.11 4.30 11.74
C LYS B 180 -58.90 3.57 12.30
N VAL B 181 -58.78 3.61 13.64
CA VAL B 181 -57.72 2.92 14.35
C VAL B 181 -58.37 1.99 15.39
N THR B 182 -57.92 0.74 15.44
CA THR B 182 -58.45 -0.27 16.37
C THR B 182 -57.36 -0.71 17.32
N HIS B 183 -57.67 -0.68 18.62
CA HIS B 183 -56.78 -1.17 19.65
C HIS B 183 -57.25 -2.54 20.13
N VAL B 184 -56.44 -3.57 19.88
CA VAL B 184 -56.72 -4.93 20.34
C VAL B 184 -55.82 -5.21 21.52
N MET B 185 -56.43 -5.52 22.67
CA MET B 185 -55.69 -5.87 23.88
C MET B 185 -54.98 -7.20 23.75
N ILE B 186 -53.72 -7.26 24.19
CA ILE B 186 -52.93 -8.48 24.22
C ILE B 186 -52.61 -8.80 25.66
N ARG B 187 -53.13 -9.91 26.16
CA ARG B 187 -52.87 -10.28 27.54
C ARG B 187 -51.59 -11.09 27.62
N CYS B 188 -50.79 -10.80 28.63
CA CYS B 188 -49.64 -11.63 28.96
C CYS B 188 -50.04 -12.45 30.17
N GLN B 189 -50.10 -13.77 29.98
CA GLN B 189 -50.44 -14.73 31.02
C GLN B 189 -49.39 -15.83 30.99
N GLU B 190 -48.63 -15.96 32.08
CA GLU B 190 -47.58 -16.97 32.22
C GLU B 190 -46.60 -16.94 31.04
N LEU B 191 -46.17 -15.74 30.68
CA LEU B 191 -45.23 -15.52 29.59
C LEU B 191 -45.78 -15.95 28.25
N LYS B 192 -47.09 -16.15 28.13
CA LYS B 192 -47.71 -16.41 26.84
C LYS B 192 -48.66 -15.26 26.49
N TYR B 193 -48.89 -15.08 25.20
CA TYR B 193 -49.62 -13.90 24.71
C TYR B 193 -50.85 -14.33 23.93
N ASP B 194 -51.95 -13.62 24.17
CA ASP B 194 -53.21 -13.96 23.50
C ASP B 194 -54.07 -12.70 23.36
N VAL B 195 -55.05 -12.79 22.46
CA VAL B 195 -55.92 -11.65 22.22
C VAL B 195 -57.28 -11.88 22.88
N GLY B 196 -57.32 -12.64 23.97
CA GLY B 196 -58.55 -12.82 24.72
C GLY B 196 -59.23 -14.16 24.52
N GLY B 197 -58.85 -14.91 23.49
CA GLY B 197 -59.31 -16.28 23.33
C GLY B 197 -58.51 -16.96 22.23
N GLY B 198 -58.73 -18.27 22.09
CA GLY B 198 -58.03 -19.05 21.09
C GLY B 198 -56.63 -19.40 21.56
N GLU B 199 -55.65 -19.23 20.67
CA GLU B 199 -54.29 -19.72 20.90
C GLU B 199 -53.51 -18.77 21.80
N ARG B 200 -52.62 -19.34 22.60
CA ARG B 200 -51.68 -18.57 23.39
C ARG B 200 -50.29 -18.79 22.79
N PHE B 201 -49.59 -17.69 22.52
CA PHE B 201 -48.33 -17.70 21.78
C PHE B 201 -47.13 -17.50 22.69
N ASP B 202 -45.98 -18.06 22.30
CA ASP B 202 -44.78 -18.00 23.12
C ASP B 202 -44.05 -16.67 23.03
N SER B 203 -44.44 -15.80 22.10
CA SER B 203 -43.85 -14.46 22.00
C SER B 203 -44.81 -13.57 21.26
N LEU B 204 -44.65 -12.25 21.45
CA LEU B 204 -45.39 -11.30 20.62
C LEU B 204 -45.15 -11.54 19.13
N THR B 205 -43.92 -11.88 18.74
CA THR B 205 -43.66 -12.11 17.32
C THR B 205 -44.51 -13.23 16.77
N ASP B 206 -44.59 -14.36 17.50
CA ASP B 206 -45.46 -15.45 17.04
C ASP B 206 -46.91 -15.00 16.94
N LEU B 207 -47.37 -14.21 17.93
CA LEU B 207 -48.74 -13.70 17.88
C LEU B 207 -48.96 -12.85 16.63
N VAL B 208 -48.05 -11.89 16.39
CA VAL B 208 -48.17 -11.00 15.24
C VAL B 208 -48.12 -11.80 13.93
N GLU B 209 -47.21 -12.77 13.86
CA GLU B 209 -47.08 -13.57 12.64
C GLU B 209 -48.36 -14.34 12.37
N HIS B 210 -48.97 -14.88 13.43
CA HIS B 210 -50.19 -15.63 13.27
C HIS B 210 -51.33 -14.72 12.78
N TYR B 211 -51.55 -13.60 13.47
CA TYR B 211 -52.67 -12.75 13.06
C TYR B 211 -52.36 -11.92 11.82
N LYS B 212 -51.12 -11.93 11.35
CA LYS B 212 -50.83 -11.44 9.99
C LYS B 212 -51.38 -12.39 8.94
N LYS B 213 -51.15 -13.71 9.14
CA LYS B 213 -51.62 -14.72 8.21
C LYS B 213 -53.11 -14.94 8.33
N ASN B 214 -53.65 -14.91 9.55
CA ASN B 214 -55.07 -15.12 9.82
C ASN B 214 -55.66 -13.88 10.49
N PRO B 215 -56.06 -12.86 9.73
CA PRO B 215 -56.44 -11.60 10.34
C PRO B 215 -57.68 -11.74 11.22
N MET B 216 -57.74 -10.93 12.27
CA MET B 216 -58.92 -10.86 13.12
C MET B 216 -60.04 -10.17 12.38
N VAL B 217 -61.26 -10.65 12.59
CA VAL B 217 -62.45 -10.05 11.99
C VAL B 217 -63.29 -9.48 13.11
N GLU B 218 -63.72 -8.23 12.94
CA GLU B 218 -64.57 -7.59 13.93
C GLU B 218 -66.00 -8.09 13.79
N THR B 219 -66.79 -7.88 14.85
CA THR B 219 -68.18 -8.35 14.82
C THR B 219 -68.96 -7.75 13.66
N LEU B 220 -68.65 -6.53 13.24
CA LEU B 220 -69.37 -5.88 12.17
C LEU B 220 -68.71 -6.04 10.79
N GLY B 221 -67.62 -6.82 10.71
CA GLY B 221 -67.07 -7.25 9.44
C GLY B 221 -65.69 -6.73 9.10
N THR B 222 -65.23 -5.67 9.75
CA THR B 222 -63.92 -5.12 9.42
C THR B 222 -62.82 -6.14 9.71
N VAL B 223 -62.01 -6.41 8.70
CA VAL B 223 -60.91 -7.37 8.81
C VAL B 223 -59.66 -6.61 9.22
N LEU B 224 -59.09 -6.95 10.38
CA LEU B 224 -57.94 -6.21 10.93
C LEU B 224 -56.66 -6.70 10.27
N GLN B 225 -56.49 -6.30 9.02
CA GLN B 225 -55.33 -6.71 8.24
C GLN B 225 -54.05 -6.09 8.82
N LEU B 226 -53.05 -6.93 9.07
CA LEU B 226 -51.73 -6.46 9.51
C LEU B 226 -50.79 -6.50 8.30
N LYS B 227 -50.74 -5.41 7.55
CA LYS B 227 -50.03 -5.41 6.28
C LYS B 227 -48.56 -5.01 6.42
N GLN B 228 -48.27 -3.94 7.17
CA GLN B 228 -46.90 -3.49 7.31
C GLN B 228 -46.77 -2.70 8.61
N PRO B 229 -45.61 -2.79 9.27
CA PRO B 229 -45.41 -1.98 10.48
C PRO B 229 -45.51 -0.51 10.16
N LEU B 230 -45.97 0.26 11.14
CA LEU B 230 -45.89 1.70 11.04
C LEU B 230 -44.44 2.13 10.86
N ASN B 231 -44.20 3.01 9.89
CA ASN B 231 -42.86 3.49 9.64
C ASN B 231 -42.51 4.57 10.65
N THR B 232 -41.39 4.40 11.33
CA THR B 232 -40.90 5.44 12.21
C THR B 232 -39.51 5.92 11.87
N THR B 233 -38.91 5.45 10.77
CA THR B 233 -37.54 5.85 10.44
C THR B 233 -37.45 6.87 9.34
N ARG B 234 -38.51 7.01 8.55
CA ARG B 234 -38.55 8.05 7.54
C ARG B 234 -38.73 9.38 8.23
N ILE B 235 -37.86 10.34 7.91
CA ILE B 235 -37.88 11.65 8.56
C ILE B 235 -37.67 12.70 7.49
N ASN B 236 -38.18 13.90 7.77
CA ASN B 236 -37.87 15.03 6.92
C ASN B 236 -36.39 15.39 7.06
N ALA B 237 -35.74 15.64 5.92
CA ALA B 237 -34.31 15.94 5.92
C ALA B 237 -33.94 17.03 6.92
N ALA B 238 -34.75 18.10 7.00
CA ALA B 238 -34.48 19.14 7.97
C ALA B 238 -34.59 18.65 9.41
N GLU B 239 -35.21 17.51 9.63
CA GLU B 239 -35.37 16.93 10.97
C GLU B 239 -34.18 16.07 11.39
N ILE B 240 -33.10 16.05 10.60
CA ILE B 240 -32.02 15.09 10.83
C ILE B 240 -31.34 15.34 12.17
N GLU B 241 -30.99 16.59 12.46
CA GLU B 241 -30.33 16.89 13.73
C GLU B 241 -31.19 16.47 14.92
N SER B 242 -32.50 16.65 14.84
CA SER B 242 -33.38 16.20 15.92
C SER B 242 -33.36 14.69 16.06
N ARG B 243 -33.43 13.96 14.94
CA ARG B 243 -33.40 12.50 15.03
C ARG B 243 -32.04 12.01 15.52
N VAL B 244 -30.95 12.66 15.10
CA VAL B 244 -29.63 12.23 15.56
C VAL B 244 -29.49 12.46 17.06
N ARG B 245 -29.94 13.62 17.54
CA ARG B 245 -29.98 13.86 18.97
C ARG B 245 -30.74 12.74 19.69
N GLU B 246 -31.96 12.42 19.23
CA GLU B 246 -32.73 11.33 19.85
C GLU B 246 -31.95 10.02 19.86
N LEU B 247 -31.44 9.61 18.70
CA LEU B 247 -30.73 8.34 18.56
C LEU B 247 -29.45 8.28 19.38
N SER B 248 -28.87 9.40 19.68
CA SER B 248 -27.62 9.43 20.39
C SER B 248 -27.82 9.23 21.89
N LYS B 249 -29.02 9.47 22.38
CA LYS B 249 -29.30 9.22 23.76
C LYS B 249 -29.08 7.77 24.08
N GLN B 259 -27.96 2.75 23.41
CA GLN B 259 -28.15 3.89 22.49
C GLN B 259 -29.24 3.61 21.45
N GLY B 260 -29.99 4.66 21.06
CA GLY B 260 -31.00 4.48 20.04
C GLY B 260 -30.42 4.06 18.69
N PHE B 261 -29.21 4.52 18.38
CA PHE B 261 -28.55 4.06 17.16
C PHE B 261 -28.44 2.53 17.13
N TRP B 262 -28.00 1.94 18.25
CA TRP B 262 -27.85 0.48 18.32
C TRP B 262 -29.18 -0.23 18.13
N GLU B 263 -30.22 0.26 18.79
CA GLU B 263 -31.53 -0.36 18.68
C GLU B 263 -32.04 -0.32 17.24
N GLU B 264 -31.87 0.82 16.56
CA GLU B 264 -32.35 0.94 15.19
C GLU B 264 -31.55 0.05 14.25
N PHE B 265 -30.22 0.02 14.45
CA PHE B 265 -29.36 -0.80 13.62
C PHE B 265 -29.70 -2.27 13.75
N GLU B 266 -29.91 -2.74 14.98
CA GLU B 266 -30.19 -4.15 15.19
C GLU B 266 -31.57 -4.51 14.65
N THR B 267 -32.50 -3.56 14.60
CA THR B 267 -33.79 -3.83 13.96
C THR B 267 -33.62 -3.93 12.45
N LEU B 268 -32.76 -3.09 11.88
CA LEU B 268 -32.40 -3.27 10.48
C LEU B 268 -31.77 -4.64 10.25
N GLN B 269 -30.79 -5.02 11.07
CA GLN B 269 -30.16 -6.35 10.94
C GLN B 269 -31.18 -7.48 11.06
N GLN B 270 -32.23 -7.31 11.88
CA GLN B 270 -33.24 -8.34 12.02
C GLN B 270 -33.99 -8.58 10.72
N GLN B 271 -33.86 -7.71 9.75
CA GLN B 271 -34.52 -7.88 8.45
C GLN B 271 -33.67 -8.59 7.39
N GLU B 272 -32.45 -8.97 7.73
CA GLU B 272 -31.52 -9.57 6.76
C GLU B 272 -31.96 -10.96 6.31
N CYS B 273 -32.75 -11.65 7.13
CA CYS B 273 -33.24 -12.97 6.77
CA CYS B 273 -33.26 -12.96 6.77
C CYS B 273 -34.19 -12.96 5.51
N LYS B 274 -34.63 -11.76 5.20
CA LYS B 274 -35.45 -11.61 4.00
C LYS B 274 -34.57 -11.42 2.75
N LEU B 275 -33.25 -11.47 2.89
CA LEU B 275 -32.36 -11.17 1.77
C LEU B 275 -31.44 -12.35 1.40
N LEU B 276 -31.88 -13.59 1.68
CA LEU B 276 -31.05 -14.78 1.41
C LEU B 276 -31.26 -15.25 -0.04
N TYR B 277 -30.95 -14.32 -0.96
CA TYR B 277 -31.11 -14.58 -2.39
C TYR B 277 -29.99 -15.48 -2.90
N SER B 278 -30.28 -16.19 -3.99
CA SER B 278 -29.33 -17.17 -4.46
C SER B 278 -28.04 -16.53 -4.96
N ARG B 279 -26.95 -17.27 -4.80
CA ARG B 279 -25.62 -16.88 -5.21
C ARG B 279 -24.95 -18.05 -5.90
N LYS B 280 -25.68 -18.69 -6.83
CA LYS B 280 -25.19 -19.94 -7.40
C LYS B 280 -23.98 -19.72 -8.30
N GLU B 281 -23.98 -18.65 -9.12
CA GLU B 281 -22.88 -18.50 -10.08
C GLU B 281 -21.55 -18.36 -9.36
N GLY B 282 -21.51 -17.55 -8.29
CA GLY B 282 -20.28 -17.39 -7.53
C GLY B 282 -19.80 -18.67 -6.86
N GLN B 283 -20.67 -19.67 -6.71
CA GLN B 283 -20.24 -20.92 -6.06
C GLN B 283 -19.71 -21.96 -7.04
N ARG B 284 -19.80 -21.73 -8.36
CA ARG B 284 -19.33 -22.72 -9.32
C ARG B 284 -17.82 -22.90 -9.20
N GLN B 285 -17.34 -24.10 -9.54
CA GLN B 285 -15.92 -24.40 -9.37
C GLN B 285 -15.04 -23.43 -10.14
N GLU B 286 -15.41 -23.13 -11.39
CA GLU B 286 -14.61 -22.23 -12.21
C GLU B 286 -14.55 -20.81 -11.65
N ASN B 287 -15.45 -20.44 -10.72
CA ASN B 287 -15.53 -19.08 -10.19
C ASN B 287 -14.98 -18.95 -8.78
N LYS B 288 -14.69 -20.08 -8.10
CA LYS B 288 -14.29 -20.02 -6.69
C LYS B 288 -13.09 -19.12 -6.49
N ASN B 289 -12.06 -19.30 -7.31
CA ASN B 289 -10.84 -18.53 -7.14
C ASN B 289 -10.98 -17.11 -7.69
N LYS B 290 -12.13 -16.74 -8.24
CA LYS B 290 -12.40 -15.34 -8.59
C LYS B 290 -13.00 -14.54 -7.42
N ASN B 291 -13.21 -15.17 -6.28
CA ASN B 291 -13.73 -14.54 -5.07
C ASN B 291 -12.62 -14.31 -4.06
N ARG B 292 -12.52 -13.07 -3.55
CA ARG B 292 -11.56 -12.78 -2.51
C ARG B 292 -11.89 -13.54 -1.23
N TYR B 293 -13.15 -13.60 -0.87
CA TYR B 293 -13.63 -14.37 0.26
C TYR B 293 -14.66 -15.36 -0.26
N LYS B 294 -14.41 -16.64 -0.01
CA LYS B 294 -15.14 -17.69 -0.72
C LYS B 294 -16.64 -17.64 -0.48
N ASN B 295 -17.10 -17.13 0.67
CA ASN B 295 -18.53 -17.10 0.94
C ASN B 295 -19.13 -15.71 0.84
N ILE B 296 -18.34 -14.72 0.44
CA ILE B 296 -18.87 -13.38 0.23
C ILE B 296 -19.04 -13.26 -1.28
N LEU B 297 -20.29 -13.39 -1.74
CA LEU B 297 -20.67 -13.67 -3.13
C LEU B 297 -21.76 -12.74 -3.63
N PRO B 298 -21.76 -12.45 -4.93
CA PRO B 298 -22.80 -11.57 -5.51
C PRO B 298 -24.10 -12.34 -5.71
N PHE B 299 -25.22 -11.69 -5.41
CA PHE B 299 -26.51 -12.26 -5.77
C PHE B 299 -26.56 -12.52 -7.28
N ASP B 300 -27.12 -13.65 -7.67
CA ASP B 300 -27.24 -13.97 -9.08
C ASP B 300 -28.03 -12.92 -9.82
N HIS B 301 -29.12 -12.40 -9.21
CA HIS B 301 -30.05 -11.57 -9.94
C HIS B 301 -29.57 -10.14 -10.15
N THR B 302 -28.49 -9.73 -9.49
CA THR B 302 -27.93 -8.41 -9.75
C THR B 302 -26.45 -8.46 -10.15
N ARG B 303 -25.86 -9.64 -10.27
CA ARG B 303 -24.45 -9.72 -10.60
C ARG B 303 -24.18 -9.05 -11.94
N VAL B 304 -22.97 -8.53 -12.08
CA VAL B 304 -22.52 -8.02 -13.37
C VAL B 304 -22.15 -9.22 -14.24
N VAL B 305 -22.84 -9.38 -15.37
CA VAL B 305 -22.53 -10.47 -16.30
C VAL B 305 -21.56 -9.98 -17.37
N LEU B 306 -20.42 -10.63 -17.50
CA LEU B 306 -19.41 -10.20 -18.48
C LEU B 306 -19.59 -10.94 -19.80
N HIS B 307 -19.80 -10.19 -20.88
CA HIS B 307 -20.05 -10.75 -22.19
C HIS B 307 -18.81 -10.68 -23.07
N ASP B 308 -18.90 -11.35 -24.20
CA ASP B 308 -17.82 -11.35 -25.20
C ASP B 308 -16.48 -11.76 -24.58
N GLY B 309 -16.50 -12.80 -23.76
CA GLY B 309 -15.30 -13.35 -23.20
C GLY B 309 -14.54 -14.26 -24.17
N ASP B 310 -13.32 -14.62 -23.77
CA ASP B 310 -12.48 -15.59 -24.45
C ASP B 310 -13.27 -16.86 -24.79
N PRO B 311 -13.43 -17.22 -26.07
CA PRO B 311 -14.13 -18.45 -26.42
C PRO B 311 -13.53 -19.71 -25.81
N ASN B 312 -12.21 -19.72 -25.56
CA ASN B 312 -11.55 -20.87 -24.95
C ASN B 312 -11.71 -20.92 -23.43
N GLU B 313 -12.21 -19.86 -22.81
CA GLU B 313 -12.45 -19.87 -21.37
C GLU B 313 -13.83 -20.45 -21.10
N PRO B 314 -13.95 -21.58 -20.36
CA PRO B 314 -15.27 -22.16 -20.10
C PRO B 314 -16.23 -21.15 -19.51
N VAL B 315 -15.90 -20.63 -18.32
CA VAL B 315 -16.69 -19.61 -17.66
C VAL B 315 -15.91 -18.31 -17.72
N SER B 316 -16.36 -17.39 -18.59
CA SER B 316 -15.74 -16.09 -18.73
C SER B 316 -16.71 -14.96 -18.42
N ASP B 317 -17.89 -15.25 -17.87
CA ASP B 317 -18.92 -14.25 -17.67
C ASP B 317 -19.00 -13.75 -16.24
N TYR B 318 -17.99 -14.02 -15.39
CA TYR B 318 -18.15 -13.88 -13.94
C TYR B 318 -17.18 -12.90 -13.32
N ILE B 319 -17.72 -12.02 -12.47
CA ILE B 319 -16.93 -11.18 -11.59
C ILE B 319 -17.73 -10.97 -10.31
N ASN B 320 -17.03 -10.83 -9.18
CA ASN B 320 -17.68 -10.61 -7.87
C ASN B 320 -18.02 -9.13 -7.79
N ALA B 321 -19.19 -8.78 -8.31
CA ALA B 321 -19.66 -7.40 -8.42
C ALA B 321 -21.17 -7.44 -8.64
N ASN B 322 -21.88 -6.43 -8.13
CA ASN B 322 -23.31 -6.28 -8.34
C ASN B 322 -23.66 -4.86 -8.80
N ILE B 323 -24.65 -4.76 -9.71
CA ILE B 323 -25.27 -3.47 -10.01
C ILE B 323 -26.08 -3.04 -8.82
N ILE B 324 -25.90 -1.81 -8.38
CA ILE B 324 -26.70 -1.24 -7.28
C ILE B 324 -27.53 -0.12 -7.88
N MET B 325 -28.83 -0.32 -7.97
CA MET B 325 -29.72 0.67 -8.59
C MET B 325 -30.59 1.28 -7.52
N PRO B 326 -30.48 2.57 -7.20
CA PRO B 326 -31.39 3.16 -6.22
C PRO B 326 -32.82 3.02 -6.72
N GLU B 327 -33.75 2.76 -5.81
CA GLU B 327 -35.17 2.60 -6.13
C GLU B 327 -36.04 2.80 -4.88
N LYS B 338 -31.57 7.60 -12.00
CA LYS B 338 -30.43 8.51 -12.15
C LYS B 338 -29.08 7.78 -12.09
N LYS B 339 -28.27 8.10 -11.08
CA LYS B 339 -26.94 7.52 -10.95
C LYS B 339 -27.03 6.09 -10.40
N SER B 340 -26.34 5.16 -11.03
CA SER B 340 -26.28 3.80 -10.52
C SER B 340 -24.83 3.47 -10.19
N TYR B 341 -24.63 2.30 -9.58
CA TYR B 341 -23.31 1.93 -9.06
C TYR B 341 -23.01 0.48 -9.38
N ILE B 342 -21.72 0.17 -9.37
CA ILE B 342 -21.30 -1.22 -9.30
C ILE B 342 -20.54 -1.39 -8.01
N ALA B 343 -20.97 -2.33 -7.17
CA ALA B 343 -20.27 -2.61 -5.94
C ALA B 343 -19.49 -3.90 -6.12
N THR B 344 -18.20 -3.85 -5.84
CA THR B 344 -17.34 -4.97 -6.20
C THR B 344 -16.22 -5.07 -5.18
N GLN B 345 -15.52 -6.17 -5.21
CA GLN B 345 -14.37 -6.43 -4.34
C GLN B 345 -13.10 -5.80 -4.91
N GLY B 346 -12.10 -5.67 -4.05
CA GLY B 346 -10.76 -5.37 -4.54
C GLY B 346 -10.23 -6.48 -5.43
N CYS B 347 -9.64 -6.08 -6.56
CA CYS B 347 -9.13 -7.02 -7.54
C CYS B 347 -8.18 -8.02 -6.91
N LEU B 348 -8.30 -9.27 -7.34
CA LEU B 348 -7.25 -10.25 -7.15
C LEU B 348 -6.34 -10.23 -8.39
N GLN B 349 -5.15 -10.81 -8.25
CA GLN B 349 -4.22 -10.88 -9.38
C GLN B 349 -4.88 -11.54 -10.59
N ASN B 350 -5.65 -12.60 -10.37
CA ASN B 350 -6.33 -13.28 -11.46
C ASN B 350 -7.67 -12.65 -11.84
N THR B 351 -8.07 -11.50 -11.26
CA THR B 351 -9.30 -10.85 -11.74
C THR B 351 -9.09 -9.42 -12.26
N VAL B 352 -7.85 -8.94 -12.35
CA VAL B 352 -7.59 -7.63 -12.95
C VAL B 352 -8.16 -7.52 -14.36
N ASN B 353 -7.89 -8.55 -15.20
CA ASN B 353 -8.40 -8.48 -16.57
C ASN B 353 -9.93 -8.40 -16.59
N ASP B 354 -10.59 -9.26 -15.81
CA ASP B 354 -12.04 -9.22 -15.74
C ASP B 354 -12.54 -7.88 -15.25
N PHE B 355 -11.83 -7.25 -14.30
CA PHE B 355 -12.25 -5.95 -13.79
C PHE B 355 -12.29 -4.92 -14.91
N TRP B 356 -11.23 -4.88 -15.74
CA TRP B 356 -11.23 -3.90 -16.83
C TRP B 356 -12.27 -4.24 -17.88
N ARG B 357 -12.50 -5.52 -18.15
CA ARG B 357 -13.63 -5.93 -18.99
C ARG B 357 -14.93 -5.37 -18.49
N MET B 358 -15.16 -5.42 -17.16
CA MET B 358 -16.40 -4.88 -16.62
C MET B 358 -16.48 -3.36 -16.77
N VAL B 359 -15.39 -2.65 -16.42
CA VAL B 359 -15.40 -1.18 -16.58
C VAL B 359 -15.70 -0.79 -18.02
N PHE B 360 -15.01 -1.44 -18.98
CA PHE B 360 -15.24 -1.14 -20.39
C PHE B 360 -16.69 -1.42 -20.78
N GLN B 361 -17.16 -2.64 -20.46
CA GLN B 361 -18.49 -3.05 -20.90
C GLN B 361 -19.59 -2.16 -20.32
N GLU B 362 -19.48 -1.79 -19.05
CA GLU B 362 -20.52 -1.00 -18.43
C GLU B 362 -20.37 0.48 -18.70
N ASN B 363 -19.33 0.90 -19.44
CA ASN B 363 -19.12 2.32 -19.77
C ASN B 363 -18.89 3.16 -18.52
N SER B 364 -18.38 2.54 -17.46
CA SER B 364 -18.06 3.26 -16.23
C SER B 364 -16.93 4.24 -16.49
N ARG B 365 -17.06 5.44 -15.95
CA ARG B 365 -16.06 6.49 -16.14
C ARG B 365 -15.43 6.92 -14.82
N VAL B 366 -15.92 6.38 -13.70
CA VAL B 366 -15.48 6.79 -12.38
C VAL B 366 -15.35 5.54 -11.53
N ILE B 367 -14.20 5.36 -10.91
CA ILE B 367 -13.97 4.29 -9.93
C ILE B 367 -13.71 4.97 -8.60
N VAL B 368 -14.37 4.47 -7.55
CA VAL B 368 -14.10 4.90 -6.17
C VAL B 368 -13.47 3.73 -5.42
N MET B 369 -12.25 3.92 -4.93
CA MET B 369 -11.55 2.89 -4.17
C MET B 369 -11.41 3.36 -2.72
N THR B 370 -11.84 2.54 -1.77
CA THR B 370 -11.86 2.94 -0.37
C THR B 370 -11.00 2.07 0.54
N THR B 371 -9.92 1.50 0.02
CA THR B 371 -8.95 0.78 0.83
C THR B 371 -7.57 1.15 0.32
N LYS B 372 -6.55 1.00 1.17
CA LYS B 372 -5.21 0.95 0.64
C LYS B 372 -5.01 -0.39 -0.04
N GLU B 373 -3.93 -0.52 -0.80
CA GLU B 373 -3.65 -1.83 -1.39
C GLU B 373 -3.36 -2.85 -0.28
N VAL B 374 -2.69 -2.40 0.77
CA VAL B 374 -2.28 -3.28 1.86
C VAL B 374 -2.67 -2.61 3.16
N GLU B 375 -3.32 -3.36 4.04
CA GLU B 375 -3.64 -2.86 5.37
C GLU B 375 -3.31 -3.97 6.35
N ARG B 376 -2.63 -3.63 7.45
CA ARG B 376 -2.23 -4.63 8.44
C ARG B 376 -1.48 -5.81 7.80
N GLY B 377 -0.70 -5.52 6.76
CA GLY B 377 0.15 -6.51 6.11
C GLY B 377 -0.56 -7.47 5.19
N LYS B 378 -1.87 -7.33 5.00
CA LYS B 378 -2.63 -8.21 4.12
C LYS B 378 -3.06 -7.43 2.88
N SER B 379 -2.98 -8.09 1.74
CA SER B 379 -3.42 -7.55 0.47
C SER B 379 -4.94 -7.42 0.46
N LYS B 380 -5.43 -6.18 0.35
CA LYS B 380 -6.85 -5.87 0.24
C LYS B 380 -7.28 -5.64 -1.20
N CYS B 381 -6.37 -5.20 -2.07
CA CYS B 381 -6.69 -5.02 -3.49
C CYS B 381 -5.38 -4.98 -4.26
N VAL B 382 -5.23 -5.77 -5.32
CA VAL B 382 -3.96 -5.64 -6.04
C VAL B 382 -3.97 -4.33 -6.82
N LYS B 383 -2.78 -3.90 -7.23
CA LYS B 383 -2.64 -2.67 -8.03
C LYS B 383 -3.09 -2.98 -9.45
N TYR B 384 -4.28 -2.51 -9.81
CA TYR B 384 -4.85 -2.83 -11.12
C TYR B 384 -4.67 -1.71 -12.13
N TRP B 385 -4.03 -0.62 -11.75
CA TRP B 385 -3.73 0.51 -12.62
C TRP B 385 -2.21 0.62 -12.82
N PRO B 386 -1.78 1.25 -13.91
CA PRO B 386 -0.34 1.40 -14.14
C PRO B 386 0.22 2.55 -13.33
N ASP B 387 1.54 2.52 -13.18
CA ASP B 387 2.27 3.65 -12.63
C ASP B 387 1.99 4.89 -13.49
N GLU B 388 2.08 6.05 -12.86
CA GLU B 388 1.83 7.33 -13.53
C GLU B 388 2.67 7.45 -14.78
N TYR B 389 2.02 7.85 -15.88
CA TYR B 389 2.60 8.00 -17.22
C TYR B 389 2.81 6.67 -17.94
N ALA B 390 2.65 5.54 -17.27
CA ALA B 390 2.93 4.25 -17.90
C ALA B 390 1.69 3.73 -18.62
N LEU B 391 1.92 2.79 -19.54
CA LEU B 391 0.86 2.09 -20.26
C LEU B 391 0.97 0.59 -20.04
N LYS B 392 -0.14 -0.07 -19.75
CA LYS B 392 -0.19 -1.52 -19.57
C LYS B 392 -1.38 -2.13 -20.31
N GLU B 393 -1.20 -3.36 -20.79
CA GLU B 393 -2.28 -4.17 -21.32
C GLU B 393 -2.70 -5.18 -20.26
N TYR B 394 -4.01 -5.22 -19.99
CA TYR B 394 -4.66 -6.17 -19.09
C TYR B 394 -5.59 -7.04 -19.95
N GLY B 395 -5.06 -8.14 -20.46
CA GLY B 395 -5.78 -8.90 -21.49
C GLY B 395 -6.09 -8.00 -22.67
N VAL B 396 -7.34 -7.99 -23.13
CA VAL B 396 -7.66 -7.22 -24.34
C VAL B 396 -7.82 -5.73 -24.06
N MET B 397 -7.62 -5.29 -22.82
CA MET B 397 -7.85 -3.91 -22.42
C MET B 397 -6.52 -3.19 -22.23
N ARG B 398 -6.43 -1.95 -22.69
CA ARG B 398 -5.22 -1.16 -22.57
C ARG B 398 -5.53 0.03 -21.69
N VAL B 399 -4.64 0.34 -20.74
CA VAL B 399 -4.85 1.43 -19.79
C VAL B 399 -3.64 2.32 -19.74
N ARG B 400 -3.83 3.61 -19.95
CA ARG B 400 -2.77 4.57 -19.70
C ARG B 400 -3.08 5.33 -18.43
N ASN B 401 -2.09 5.47 -17.56
CA ASN B 401 -2.19 6.39 -16.41
C ASN B 401 -1.69 7.75 -16.88
N VAL B 402 -2.62 8.64 -17.18
CA VAL B 402 -2.26 9.92 -17.77
C VAL B 402 -1.60 10.81 -16.74
N LYS B 403 -2.11 10.81 -15.50
CA LYS B 403 -1.68 11.81 -14.53
C LYS B 403 -2.35 11.50 -13.21
N GLU B 404 -1.59 11.66 -12.11
CA GLU B 404 -2.09 11.48 -10.75
C GLU B 404 -2.09 12.84 -10.04
N SER B 405 -3.12 13.09 -9.24
CA SER B 405 -3.25 14.34 -8.50
C SER B 405 -3.53 13.99 -7.05
N ALA B 406 -2.75 14.55 -6.14
CA ALA B 406 -2.85 14.19 -4.74
C ALA B 406 -3.62 15.27 -4.00
N ALA B 407 -4.63 14.84 -3.24
CA ALA B 407 -5.37 15.68 -2.33
C ALA B 407 -5.13 15.16 -0.91
N HIS B 408 -5.76 15.80 0.07
CA HIS B 408 -5.45 15.44 1.45
C HIS B 408 -5.94 14.02 1.78
N ASP B 409 -7.17 13.68 1.41
CA ASP B 409 -7.72 12.37 1.78
C ASP B 409 -7.64 11.35 0.65
N TYR B 410 -7.32 11.76 -0.56
CA TYR B 410 -7.40 10.84 -1.68
C TYR B 410 -6.41 11.24 -2.75
N THR B 411 -6.24 10.33 -3.71
CA THR B 411 -5.45 10.53 -4.91
C THR B 411 -6.36 10.28 -6.10
N LEU B 412 -6.34 11.19 -7.06
CA LEU B 412 -7.08 11.05 -8.30
C LEU B 412 -6.13 10.55 -9.37
N ARG B 413 -6.51 9.49 -10.10
CA ARG B 413 -5.70 9.00 -11.21
C ARG B 413 -6.52 9.13 -12.48
N GLU B 414 -5.98 9.88 -13.44
CA GLU B 414 -6.64 10.03 -14.74
C GLU B 414 -6.15 8.91 -15.66
N LEU B 415 -7.02 7.96 -15.95
CA LEU B 415 -6.67 6.79 -16.76
C LEU B 415 -7.40 6.84 -18.10
N LYS B 416 -6.75 6.35 -19.17
CA LYS B 416 -7.45 6.13 -20.44
C LYS B 416 -7.58 4.64 -20.67
N LEU B 417 -8.81 4.19 -20.85
CA LEU B 417 -9.10 2.79 -21.10
C LEU B 417 -9.52 2.63 -22.55
N SER B 418 -8.96 1.63 -23.22
CA SER B 418 -9.37 1.32 -24.58
C SER B 418 -9.22 -0.18 -24.81
N LYS B 419 -9.88 -0.68 -25.85
CA LYS B 419 -9.66 -2.06 -26.25
C LYS B 419 -8.52 -2.13 -27.25
N VAL B 420 -7.64 -3.12 -27.10
CA VAL B 420 -6.53 -3.25 -28.02
C VAL B 420 -7.09 -3.51 -29.43
N GLY B 421 -6.39 -3.00 -30.44
CA GLY B 421 -6.88 -3.15 -31.79
C GLY B 421 -7.99 -2.19 -32.20
N GLN B 422 -8.54 -1.39 -31.28
CA GLN B 422 -9.70 -0.53 -31.57
C GLN B 422 -9.46 0.82 -30.90
N GLY B 423 -8.73 1.71 -31.59
CA GLY B 423 -8.33 2.96 -30.96
C GLY B 423 -9.49 3.86 -30.61
N ASN B 424 -10.51 3.87 -31.47
CA ASN B 424 -11.66 4.71 -31.25
C ASN B 424 -12.49 4.29 -30.04
N THR B 425 -12.10 3.27 -29.30
CA THR B 425 -12.85 2.91 -28.10
C THR B 425 -12.38 3.63 -26.84
N GLU B 426 -11.38 4.50 -26.95
CA GLU B 426 -10.76 5.07 -25.77
C GLU B 426 -11.74 5.98 -25.01
N ARG B 427 -11.69 5.88 -23.68
CA ARG B 427 -12.43 6.79 -22.81
C ARG B 427 -11.63 7.01 -21.54
N THR B 428 -11.81 8.17 -20.94
CA THR B 428 -11.15 8.50 -19.69
C THR B 428 -11.93 7.91 -18.53
N VAL B 429 -11.23 7.22 -17.62
CA VAL B 429 -11.80 6.69 -16.38
C VAL B 429 -11.07 7.35 -15.22
N TRP B 430 -11.81 8.00 -14.35
CA TRP B 430 -11.26 8.80 -13.26
C TRP B 430 -11.33 7.95 -11.99
N GLN B 431 -10.17 7.55 -11.48
CA GLN B 431 -10.11 6.71 -10.28
C GLN B 431 -9.88 7.58 -9.05
N TYR B 432 -10.84 7.59 -8.17
CA TYR B 432 -10.76 8.33 -6.90
C TYR B 432 -10.36 7.33 -5.83
N HIS B 433 -9.13 7.43 -5.33
CA HIS B 433 -8.59 6.45 -4.39
C HIS B 433 -8.54 7.12 -3.02
N PHE B 434 -9.55 6.89 -2.19
CA PHE B 434 -9.58 7.39 -0.82
C PHE B 434 -8.58 6.60 0.02
N ARG B 435 -7.64 7.29 0.67
CA ARG B 435 -6.46 6.65 1.26
C ARG B 435 -6.39 6.72 2.78
N THR B 436 -7.21 7.55 3.42
CA THR B 436 -7.09 7.82 4.84
C THR B 436 -8.14 7.15 5.69
N TRP B 437 -8.94 6.24 5.14
CA TRP B 437 -9.93 5.57 5.97
C TRP B 437 -9.18 4.74 7.01
N PRO B 438 -9.58 4.77 8.27
CA PRO B 438 -8.86 4.01 9.30
C PRO B 438 -8.87 2.51 9.05
N ASP B 439 -7.85 1.83 9.59
CA ASP B 439 -7.78 0.38 9.40
C ASP B 439 -9.01 -0.32 9.97
N HIS B 440 -9.53 0.17 11.10
CA HIS B 440 -10.70 -0.37 11.80
C HIS B 440 -11.70 0.75 12.07
N GLY B 441 -13.00 0.40 12.11
CA GLY B 441 -14.00 1.42 12.40
C GLY B 441 -14.15 2.45 11.29
N VAL B 442 -14.47 3.69 11.65
CA VAL B 442 -14.83 4.72 10.68
C VAL B 442 -14.15 6.03 11.06
N PRO B 443 -14.06 6.99 10.12
CA PRO B 443 -13.46 8.28 10.46
C PRO B 443 -14.26 8.98 11.55
N SER B 444 -13.55 9.79 12.34
CA SER B 444 -14.19 10.54 13.42
C SER B 444 -15.05 11.68 12.87
N ASP B 445 -14.76 12.16 11.66
CA ASP B 445 -15.47 13.28 11.09
C ASP B 445 -15.77 12.97 9.63
N PRO B 446 -17.01 13.19 9.17
CA PRO B 446 -17.38 12.83 7.79
C PRO B 446 -16.98 13.86 6.75
N GLY B 447 -16.33 14.96 7.16
CA GLY B 447 -16.03 16.04 6.23
C GLY B 447 -15.20 15.61 5.04
N GLY B 448 -14.13 14.84 5.29
CA GLY B 448 -13.31 14.34 4.19
C GLY B 448 -14.11 13.46 3.22
N VAL B 449 -14.93 12.56 3.76
CA VAL B 449 -15.73 11.68 2.91
C VAL B 449 -16.73 12.51 2.10
N LEU B 450 -17.34 13.51 2.71
CA LEU B 450 -18.31 14.34 1.99
C LEU B 450 -17.66 15.16 0.89
N ASP B 451 -16.47 15.73 1.16
CA ASP B 451 -15.76 16.47 0.11
C ASP B 451 -15.37 15.56 -1.04
N PHE B 452 -14.84 14.37 -0.73
CA PHE B 452 -14.52 13.35 -1.73
C PHE B 452 -15.75 13.01 -2.57
N LEU B 453 -16.86 12.65 -1.93
CA LEU B 453 -18.03 12.25 -2.71
C LEU B 453 -18.58 13.40 -3.55
N GLU B 454 -18.47 14.63 -3.05
CA GLU B 454 -18.96 15.76 -3.83
C GLU B 454 -18.15 15.92 -5.12
N GLU B 455 -16.84 15.75 -5.02
CA GLU B 455 -16.00 15.77 -6.22
C GLU B 455 -16.36 14.62 -7.15
N VAL B 456 -16.51 13.41 -6.59
CA VAL B 456 -16.86 12.24 -7.41
C VAL B 456 -18.19 12.48 -8.12
N HIS B 457 -19.16 13.04 -7.40
CA HIS B 457 -20.47 13.25 -7.98
C HIS B 457 -20.41 14.22 -9.16
N HIS B 458 -19.67 15.31 -9.00
CA HIS B 458 -19.57 16.30 -10.08
C HIS B 458 -18.80 15.75 -11.28
N LYS B 459 -17.77 14.93 -11.03
CA LYS B 459 -17.06 14.31 -12.17
C LYS B 459 -18.00 13.46 -13.00
N GLN B 460 -18.74 12.56 -12.32
CA GLN B 460 -19.73 11.71 -12.96
C GLN B 460 -20.77 12.53 -13.71
N GLU B 461 -21.27 13.60 -13.09
CA GLU B 461 -22.31 14.41 -13.71
C GLU B 461 -21.79 15.17 -14.94
N SER B 462 -20.48 15.43 -15.02
CA SER B 462 -19.91 16.13 -16.16
C SER B 462 -19.76 15.26 -17.41
N ILE B 463 -19.98 13.94 -17.31
CA ILE B 463 -19.67 13.03 -18.41
C ILE B 463 -20.98 12.47 -18.96
N MET B 464 -21.33 12.89 -20.17
CA MET B 464 -22.59 12.51 -20.78
C MET B 464 -22.69 10.98 -20.91
N ASP B 465 -23.80 10.41 -20.48
CA ASP B 465 -24.07 8.96 -20.63
C ASP B 465 -23.00 8.07 -19.98
N ALA B 466 -22.22 8.59 -19.04
CA ALA B 466 -21.37 7.74 -18.20
C ALA B 466 -22.16 6.57 -17.62
N GLY B 467 -21.51 5.42 -17.51
CA GLY B 467 -22.18 4.29 -16.87
C GLY B 467 -22.09 4.33 -15.35
N PRO B 468 -22.39 3.20 -14.70
CA PRO B 468 -22.40 3.18 -13.22
C PRO B 468 -21.03 3.52 -12.63
N VAL B 469 -21.06 4.16 -11.46
CA VAL B 469 -19.84 4.45 -10.71
C VAL B 469 -19.39 3.16 -10.03
N VAL B 470 -18.14 2.77 -10.26
CA VAL B 470 -17.59 1.54 -9.66
C VAL B 470 -17.06 1.90 -8.28
N VAL B 471 -17.53 1.18 -7.24
CA VAL B 471 -17.09 1.37 -5.85
C VAL B 471 -16.54 0.05 -5.32
N HIS B 472 -15.36 0.11 -4.68
CA HIS B 472 -14.82 -1.13 -4.16
C HIS B 472 -13.97 -0.85 -2.92
N CYS B 473 -13.89 -1.86 -2.08
CA CYS B 473 -12.94 -1.83 -0.98
C CYS B 473 -12.19 -3.14 -1.00
N SER B 474 -12.29 -3.92 0.09
CA SER B 474 -11.69 -5.25 0.15
C SER B 474 -12.73 -6.28 -0.27
N ALA B 475 -13.72 -6.51 0.60
CA ALA B 475 -14.81 -7.41 0.24
C ALA B 475 -15.90 -6.72 -0.57
N GLY B 476 -15.91 -5.38 -0.60
CA GLY B 476 -16.92 -4.67 -1.39
C GLY B 476 -18.30 -4.61 -0.76
N ILE B 477 -18.41 -4.73 0.57
CA ILE B 477 -19.73 -4.62 1.19
C ILE B 477 -19.80 -3.60 2.33
N GLY B 478 -18.73 -3.46 3.11
CA GLY B 478 -18.77 -2.58 4.28
C GLY B 478 -18.50 -1.12 3.97
N ARG B 479 -17.23 -0.78 3.74
CA ARG B 479 -16.92 0.59 3.30
C ARG B 479 -17.64 0.92 2.00
N THR B 480 -17.62 -0.01 1.06
CA THR B 480 -18.30 0.19 -0.21
C THR B 480 -19.78 0.52 -0.01
N GLY B 481 -20.50 -0.29 0.78
CA GLY B 481 -21.90 0.03 0.98
C GLY B 481 -22.09 1.35 1.73
N THR B 482 -21.16 1.68 2.63
CA THR B 482 -21.28 2.93 3.39
C THR B 482 -21.15 4.14 2.47
N PHE B 483 -20.12 4.12 1.59
CA PHE B 483 -19.94 5.22 0.65
C PHE B 483 -21.15 5.33 -0.28
N ILE B 484 -21.63 4.20 -0.81
CA ILE B 484 -22.73 4.23 -1.77
C ILE B 484 -24.01 4.75 -1.10
N VAL B 485 -24.30 4.32 0.13
CA VAL B 485 -25.53 4.76 0.78
C VAL B 485 -25.47 6.25 1.09
N ILE B 486 -24.33 6.73 1.59
CA ILE B 486 -24.17 8.17 1.78
C ILE B 486 -24.39 8.89 0.47
N ASP B 487 -23.78 8.38 -0.63
CA ASP B 487 -23.96 9.05 -1.92
C ASP B 487 -25.42 9.12 -2.32
N ILE B 488 -26.16 8.01 -2.13
CA ILE B 488 -27.57 7.98 -2.50
C ILE B 488 -28.36 9.03 -1.73
N LEU B 489 -28.21 9.04 -0.39
CA LEU B 489 -28.94 10.01 0.43
C LEU B 489 -28.55 11.45 0.08
N ILE B 490 -27.26 11.71 -0.17
CA ILE B 490 -26.84 13.08 -0.50
C ILE B 490 -27.44 13.52 -1.83
N ASP B 491 -27.51 12.61 -2.80
CA ASP B 491 -28.11 12.91 -4.10
C ASP B 491 -29.54 13.39 -3.95
N ILE B 492 -30.32 12.75 -3.08
CA ILE B 492 -31.69 13.20 -2.80
C ILE B 492 -31.69 14.62 -2.24
N ILE B 493 -30.84 14.90 -1.26
CA ILE B 493 -30.81 16.23 -0.65
C ILE B 493 -30.25 17.27 -1.62
N ARG B 494 -29.25 16.90 -2.43
CA ARG B 494 -28.66 17.89 -3.33
C ARG B 494 -29.70 18.38 -4.35
N GLU B 495 -30.57 17.50 -4.81
CA GLU B 495 -31.59 17.89 -5.76
C GLU B 495 -32.81 18.54 -5.10
N LYS B 496 -33.24 18.05 -3.93
CA LYS B 496 -34.49 18.52 -3.33
C LYS B 496 -34.29 19.43 -2.13
N GLY B 497 -33.07 19.62 -1.67
CA GLY B 497 -32.90 20.42 -0.48
C GLY B 497 -33.45 19.72 0.76
N VAL B 498 -33.74 20.54 1.78
CA VAL B 498 -34.23 20.03 3.05
C VAL B 498 -35.67 19.57 3.01
N ASP B 499 -36.40 19.85 1.94
CA ASP B 499 -37.81 19.46 1.87
C ASP B 499 -37.94 18.14 1.12
N CYS B 500 -37.39 17.10 1.76
CA CYS B 500 -37.50 15.77 1.20
C CYS B 500 -37.47 14.77 2.34
N ASP B 501 -38.02 13.60 2.08
CA ASP B 501 -38.00 12.50 3.02
C ASP B 501 -36.75 11.65 2.81
N ILE B 502 -36.06 11.35 3.89
CA ILE B 502 -34.99 10.37 3.88
C ILE B 502 -35.30 9.29 4.92
N ASP B 503 -34.99 8.04 4.56
CA ASP B 503 -35.19 6.88 5.43
C ASP B 503 -33.91 6.03 5.40
N VAL B 504 -32.99 6.26 6.34
CA VAL B 504 -31.68 5.60 6.26
C VAL B 504 -31.81 4.07 6.22
N PRO B 505 -32.42 3.39 7.22
CA PRO B 505 -32.45 1.92 7.17
C PRO B 505 -33.17 1.39 5.95
N LYS B 506 -34.24 2.05 5.52
CA LYS B 506 -34.91 1.62 4.29
C LYS B 506 -33.96 1.67 3.09
N THR B 507 -33.18 2.75 2.95
CA THR B 507 -32.25 2.82 1.82
C THR B 507 -31.22 1.69 1.90
N ILE B 508 -30.73 1.39 3.10
CA ILE B 508 -29.74 0.35 3.28
C ILE B 508 -30.34 -1.01 2.95
N GLN B 509 -31.57 -1.28 3.41
CA GLN B 509 -32.24 -2.54 3.09
C GLN B 509 -32.43 -2.69 1.58
N MET B 510 -32.75 -1.59 0.91
CA MET B 510 -32.88 -1.63 -0.54
C MET B 510 -31.55 -1.93 -1.23
N VAL B 511 -30.43 -1.41 -0.71
CA VAL B 511 -29.12 -1.73 -1.28
C VAL B 511 -28.69 -3.15 -0.90
N ARG B 512 -29.02 -3.60 0.30
CA ARG B 512 -28.71 -4.94 0.74
C ARG B 512 -29.44 -6.01 -0.05
N SER B 513 -30.57 -5.68 -0.68
CA SER B 513 -31.23 -6.63 -1.54
C SER B 513 -30.54 -6.76 -2.89
N GLN B 514 -29.53 -5.92 -3.15
CA GLN B 514 -28.78 -5.97 -4.40
C GLN B 514 -27.34 -6.46 -4.23
N ARG B 515 -26.78 -6.39 -3.02
CA ARG B 515 -25.53 -7.08 -2.70
C ARG B 515 -25.50 -7.37 -1.20
N SER B 516 -25.02 -8.57 -0.83
CA SER B 516 -25.07 -9.04 0.55
C SER B 516 -24.37 -8.08 1.51
N GLY B 517 -25.03 -7.76 2.62
CA GLY B 517 -24.34 -7.14 3.73
C GLY B 517 -23.86 -5.73 3.49
N MET B 518 -24.45 -5.02 2.51
CA MET B 518 -24.05 -3.65 2.26
C MET B 518 -24.24 -2.84 3.54
N VAL B 519 -23.15 -2.21 4.01
CA VAL B 519 -23.03 -1.59 5.34
C VAL B 519 -22.96 -2.68 6.41
N GLN B 520 -21.80 -2.79 7.06
CA GLN B 520 -21.44 -3.93 7.91
C GLN B 520 -21.69 -3.70 9.40
N THR B 521 -21.53 -2.47 9.88
CA THR B 521 -21.44 -2.25 11.33
C THR B 521 -22.24 -1.06 11.79
N GLU B 522 -22.57 -1.10 13.09
CA GLU B 522 -23.23 0.03 13.72
C GLU B 522 -22.41 1.30 13.58
N ALA B 523 -21.09 1.21 13.64
CA ALA B 523 -20.26 2.40 13.48
C ALA B 523 -20.47 3.05 12.11
N GLN B 524 -20.46 2.22 11.05
CA GLN B 524 -20.77 2.75 9.73
C GLN B 524 -22.19 3.30 9.70
N TYR B 525 -23.13 2.62 10.36
CA TYR B 525 -24.50 3.12 10.39
C TYR B 525 -24.57 4.51 11.01
N ARG B 526 -23.98 4.69 12.20
CA ARG B 526 -23.91 6.02 12.80
C ARG B 526 -23.19 7.02 11.90
N PHE B 527 -22.11 6.58 11.25
CA PHE B 527 -21.35 7.48 10.37
C PHE B 527 -22.21 7.97 9.21
N ILE B 528 -23.08 7.11 8.67
CA ILE B 528 -23.96 7.53 7.60
C ILE B 528 -24.88 8.65 8.09
N TYR B 529 -25.48 8.49 9.27
CA TYR B 529 -26.29 9.56 9.83
C TYR B 529 -25.48 10.83 10.04
N MET B 530 -24.27 10.71 10.61
N MET B 530 -24.27 10.70 10.60
CA MET B 530 -23.45 11.88 10.84
CA MET B 530 -23.43 11.87 10.84
C MET B 530 -23.10 12.57 9.52
C MET B 530 -23.07 12.56 9.54
N ALA B 531 -22.86 11.78 8.47
CA ALA B 531 -22.47 12.38 7.19
C ALA B 531 -23.63 13.17 6.61
N VAL B 532 -24.83 12.58 6.64
CA VAL B 532 -26.03 13.28 6.17
C VAL B 532 -26.29 14.54 7.01
N GLN B 533 -26.14 14.43 8.34
CA GLN B 533 -26.33 15.59 9.20
C GLN B 533 -25.38 16.71 8.80
N HIS B 534 -24.09 16.39 8.68
CA HIS B 534 -23.08 17.38 8.29
C HIS B 534 -23.39 18.00 6.93
N TYR B 535 -23.80 17.20 5.95
CA TYR B 535 -24.06 17.76 4.63
C TYR B 535 -25.23 18.74 4.66
N ILE B 536 -26.29 18.39 5.40
CA ILE B 536 -27.43 19.28 5.54
C ILE B 536 -27.01 20.57 6.25
N GLU B 537 -26.20 20.46 7.30
CA GLU B 537 -25.83 21.64 8.07
C GLU B 537 -25.02 22.64 7.26
N THR B 538 -24.23 22.16 6.29
CA THR B 538 -23.40 23.02 5.45
C THR B 538 -24.08 23.39 4.14
N LEU B 539 -25.39 23.26 4.07
CA LEU B 539 -26.13 23.66 2.87
C LEU B 539 -26.41 25.17 2.88
C18 W8I C . 24.73 21.60 -10.58
N4 W8I C . 25.37 17.51 -6.72
C14 W8I C . 25.31 19.26 -9.70
C13 W8I C . 24.24 19.16 -8.60
C17 W8I C . 25.18 21.12 -7.42
C16 W8I C . 26.22 21.36 -8.54
C15 W8I C . 25.80 20.74 -9.87
N3 W8I C . 27.33 18.44 -4.98
C8 W8I C . 26.67 14.39 -5.37
C22 W8I C . 27.97 15.87 -0.16
C7 W8I C . 25.87 15.26 -6.13
C5 W8I C . 25.59 18.83 -6.59
C6 W8I C . 26.59 19.30 -5.70
C1 W8I C . 27.11 17.11 -5.11
C20 W8I C . 28.84 14.53 -2.01
C21 W8I C . 27.79 15.26 -1.42
C2 W8I C . 26.11 16.65 -5.99
C23 W8I C . 29.20 15.74 0.51
C24 W8I C . 30.24 15.00 -0.09
C25 W8I C . 30.08 14.40 -1.35
C9 W8I C . 27.65 14.91 -4.52
N10 W8I C . 27.86 16.24 -4.39
N12 W8I C . 24.79 19.70 -7.35
N19 W8I C . 26.99 20.74 -10.72
S11 W8I C . 28.63 13.79 -3.59
CL1 W8I C . 31.41 13.51 -2.05
CL2 W8I C . 31.76 14.82 0.69
C18 W8I D . -38.22 0.60 19.01
N4 W8I D . -36.32 0.84 13.70
C14 W8I D . -36.78 -0.04 16.95
C13 W8I D . -36.60 1.35 16.33
C17 W8I D . -39.04 1.65 16.03
C16 W8I D . -39.31 0.30 16.75
C15 W8I D . -38.17 -0.16 17.67
N3 W8I D . -38.55 0.39 12.07
C8 W8I D . -34.74 -0.57 10.71
C22 W8I D . -38.05 1.46 6.73
C7 W8I D . -34.87 -0.02 12.00
C5 W8I D . -37.56 1.14 14.12
C6 W8I D . -38.68 0.91 13.30
C1 W8I D . -37.30 0.08 11.63
C20 W8I D . -36.91 -0.58 7.37
C21 W8I D . -37.11 0.80 7.55
C2 W8I D . -36.17 0.31 12.46
C23 W8I D . -38.77 0.78 5.74
C24 W8I D . -38.55 -0.60 5.55
C25 W8I D . -37.63 -1.27 6.36
C9 W8I D . -35.92 -0.77 9.95
N10 W8I D . -37.16 -0.45 10.40
N12 W8I D . -37.70 1.69 15.43
N19 W8I D . -38.38 -1.58 18.02
S11 W8I D . -35.79 -1.48 8.35
CL1 W8I D . -37.39 -2.95 6.08
CL2 W8I D . -39.41 -1.52 4.37
#